data_1Z6L
#
_entry.id   1Z6L
#
_cell.length_a   102.038
_cell.length_b   214.616
_cell.length_c   118.797
_cell.angle_alpha   90.00
_cell.angle_beta   90.00
_cell.angle_gamma   90.00
#
_symmetry.space_group_name_H-M   'C 2 2 21'
#
loop_
_entity.id
_entity.type
_entity.pdbx_description
1 polymer 'Polyamine oxidase FMS1'
2 non-polymer 'FLAVIN-ADENINE DINUCLEOTIDE'
3 non-polymer N-(6-AMINOHEXYL)HEXANE-1,6-DIAMINE
4 water water
#
_entity_poly.entity_id   1
_entity_poly.type   'polypeptide(L)'
_entity_poly.pdbx_seq_one_letter_code
;MNTVSPAKKKVIIIGAGIAGLKAASTLHQNGIQDCLVLEARDRVGGRLQTVTGYQGRKYDIGASWHHDTLTNPLFLEEAQ
LSLNDGRTRFVFDDDNFIYIDEERGRVDHDKELLLEIVDNEMSKFAELEFHQHLGVSDCSFFQLVMKYLLQRRQFLTNDQ
IRYLPQLCRYLELWHGLDWKLLSAKDTYFGHQGRNAFALNYDSVVQRIAQSFPQNWLKLSCEVKSITREPSKNVTVNCED
GTVYNADYVIITVPQSVLNLSVQPEKNLRGRIEFQPPLKPVIQDAFDKIHFGALGKVIFEFEECCWSNESSKIVTLANST
NEFVEIVRNAENLDELDSMLEREDSQKHTSVTCWSQPLFFVNLSKSTGVASFMMLMQAPLTNHIESIREDKERLFSFFQP
VLNKIMKCLDSEDVIDGMRPIENIANANKPVLRNIIVSNWTRDPYSRGAYSACFPGDDPVDMVVAMSNGQDSRIRFAGEH
TIMDGAGCAYGAWESGRREATRISDLLKLEHHHHHH
;
_entity_poly.pdbx_strand_id   A,B
#
loop_
_chem_comp.id
_chem_comp.type
_chem_comp.name
_chem_comp.formula
DRE non-polymer N-(6-AMINOHEXYL)HEXANE-1,6-DIAMINE 'C12 H29 N3'
FAD non-polymer 'FLAVIN-ADENINE DINUCLEOTIDE' 'C27 H33 N9 O15 P2'
#
# COMPACT_ATOMS: atom_id res chain seq x y z
N PRO A 6 56.18 -2.05 9.65
CA PRO A 6 54.82 -1.91 10.24
C PRO A 6 54.36 -0.46 10.30
N ALA A 7 54.10 0.11 9.11
CA ALA A 7 53.66 1.50 8.98
C ALA A 7 52.47 1.81 9.89
N LYS A 8 52.59 2.88 10.67
CA LYS A 8 51.54 3.29 11.61
C LYS A 8 50.41 4.09 10.99
N LYS A 9 49.18 3.70 11.32
CA LYS A 9 48.00 4.38 10.81
C LYS A 9 46.98 4.52 11.91
N LYS A 10 46.09 5.49 11.75
CA LYS A 10 45.05 5.74 12.74
C LYS A 10 43.89 4.77 12.50
N VAL A 11 43.37 4.78 11.27
CA VAL A 11 42.26 3.90 10.90
C VAL A 11 42.49 3.22 9.56
N ILE A 12 42.36 1.89 9.56
CA ILE A 12 42.53 1.14 8.32
C ILE A 12 41.17 0.62 7.89
N ILE A 13 40.73 1.07 6.72
CA ILE A 13 39.44 0.68 6.18
C ILE A 13 39.63 -0.40 5.12
N ILE A 14 39.01 -1.56 5.34
CA ILE A 14 39.10 -2.65 4.37
C ILE A 14 37.90 -2.58 3.43
N GLY A 15 38.16 -2.24 2.17
CA GLY A 15 37.08 -2.17 1.19
C GLY A 15 36.74 -0.76 0.75
N ALA A 16 36.81 -0.50 -0.53
CA ALA A 16 36.52 0.83 -1.08
C ALA A 16 35.16 0.86 -1.75
N GLY A 17 34.18 0.35 -1.02
CA GLY A 17 32.82 0.37 -1.51
C GLY A 17 32.24 1.58 -0.83
N ILE A 18 30.99 1.89 -1.13
CA ILE A 18 30.33 3.04 -0.55
C ILE A 18 30.42 3.04 0.98
N ALA A 19 30.60 1.88 1.59
CA ALA A 19 30.67 1.85 3.05
C ALA A 19 31.99 2.45 3.53
N GLY A 20 33.09 1.85 3.07
CA GLY A 20 34.41 2.30 3.44
C GLY A 20 34.72 3.67 2.89
N LEU A 21 34.20 3.97 1.71
CA LEU A 21 34.44 5.27 1.12
C LEU A 21 33.82 6.32 2.04
N LYS A 22 32.61 6.06 2.50
CA LYS A 22 31.96 7.00 3.37
C LYS A 22 32.67 7.05 4.70
N ALA A 23 33.18 5.92 5.15
CA ALA A 23 33.88 5.92 6.42
C ALA A 23 35.07 6.85 6.30
N ALA A 24 35.92 6.60 5.31
CA ALA A 24 37.08 7.43 5.08
C ALA A 24 36.65 8.90 5.00
N SER A 25 35.74 9.19 4.09
CA SER A 25 35.22 10.53 3.91
C SER A 25 34.93 11.15 5.26
N THR A 26 34.01 10.54 5.99
CA THR A 26 33.67 11.06 7.30
C THR A 26 34.96 11.28 8.06
N LEU A 27 35.74 10.21 8.25
CA LEU A 27 37.00 10.29 8.96
C LEU A 27 37.78 11.54 8.62
N HIS A 28 37.74 11.93 7.34
CA HIS A 28 38.45 13.11 6.89
C HIS A 28 37.80 14.36 7.46
N GLN A 29 36.49 14.49 7.24
CA GLN A 29 35.75 15.64 7.73
C GLN A 29 35.98 15.89 9.22
N ASN A 30 36.21 14.83 9.99
CA ASN A 30 36.45 14.98 11.41
C ASN A 30 37.92 15.24 11.67
N GLY A 31 38.64 15.59 10.60
CA GLY A 31 40.05 15.91 10.70
C GLY A 31 41.00 14.79 11.07
N ILE A 32 40.54 13.55 10.97
CA ILE A 32 41.39 12.42 11.28
C ILE A 32 42.39 12.24 10.15
N GLN A 33 43.65 12.00 10.51
CA GLN A 33 44.70 11.83 9.52
C GLN A 33 45.34 10.46 9.62
N ASP A 34 46.18 10.14 8.64
CA ASP A 34 46.89 8.87 8.63
C ASP A 34 45.95 7.69 8.57
N CYS A 35 45.13 7.65 7.52
CA CYS A 35 44.17 6.57 7.34
C CYS A 35 44.37 5.91 5.99
N LEU A 36 43.94 4.66 5.90
CA LEU A 36 44.08 3.89 4.68
C LEU A 36 42.82 3.18 4.25
N VAL A 37 42.61 3.13 2.94
CA VAL A 37 41.46 2.44 2.38
C VAL A 37 42.04 1.31 1.52
N LEU A 38 42.05 0.10 2.08
CA LEU A 38 42.57 -1.06 1.37
C LEU A 38 41.48 -1.75 0.56
N GLU A 39 41.59 -1.68 -0.76
CA GLU A 39 40.60 -2.28 -1.65
C GLU A 39 41.18 -3.35 -2.56
N ALA A 40 40.55 -4.52 -2.63
CA ALA A 40 41.04 -5.63 -3.47
C ALA A 40 40.96 -5.45 -5.00
N ARG A 41 39.89 -4.85 -5.49
CA ARG A 41 39.77 -4.68 -6.93
C ARG A 41 40.65 -3.53 -7.40
N ASP A 42 40.78 -3.41 -8.72
CA ASP A 42 41.55 -2.33 -9.30
C ASP A 42 40.65 -1.10 -9.40
N ARG A 43 39.63 -1.04 -8.54
CA ARG A 43 38.71 0.08 -8.60
C ARG A 43 37.99 0.29 -7.30
N VAL A 44 37.30 1.43 -7.19
CA VAL A 44 36.51 1.74 -6.00
C VAL A 44 35.05 1.55 -6.40
N GLY A 45 34.13 1.67 -5.43
CA GLY A 45 32.72 1.50 -5.73
C GLY A 45 32.14 0.21 -5.20
N GLY A 46 32.87 -0.90 -5.36
CA GLY A 46 32.37 -2.18 -4.88
C GLY A 46 31.12 -2.63 -5.63
N ARG A 47 30.02 -2.87 -4.90
CA ARG A 47 28.80 -3.30 -5.56
C ARG A 47 28.14 -2.17 -6.33
N LEU A 48 28.85 -1.04 -6.41
CA LEU A 48 28.42 0.12 -7.17
C LEU A 48 29.48 0.17 -8.25
N GLN A 49 29.11 -0.19 -9.47
CA GLN A 49 30.05 -0.19 -10.61
C GLN A 49 29.30 0.20 -11.87
N THR A 50 29.86 1.15 -12.62
CA THR A 50 29.22 1.58 -13.86
C THR A 50 30.06 1.13 -15.04
N VAL A 51 29.52 0.21 -15.83
CA VAL A 51 30.24 -0.29 -16.98
C VAL A 51 29.89 0.44 -18.28
N THR A 52 30.74 0.27 -19.28
CA THR A 52 30.54 0.91 -20.57
C THR A 52 30.18 -0.15 -21.60
N GLY A 53 29.34 0.24 -22.55
CA GLY A 53 28.93 -0.69 -23.58
C GLY A 53 28.70 0.02 -24.90
N TYR A 54 28.07 -0.69 -25.83
CA TYR A 54 27.77 -0.18 -27.16
C TYR A 54 27.69 1.34 -27.32
N GLN A 55 28.64 1.87 -28.07
CA GLN A 55 28.72 3.30 -28.38
C GLN A 55 28.80 4.29 -27.24
N GLY A 56 29.49 3.91 -26.18
CA GLY A 56 29.65 4.83 -25.06
C GLY A 56 28.57 4.79 -24.01
N ARG A 57 27.50 4.04 -24.27
CA ARG A 57 26.41 3.94 -23.31
C ARG A 57 26.94 3.38 -21.99
N LYS A 58 26.44 3.92 -20.89
CA LYS A 58 26.85 3.49 -19.58
C LYS A 58 25.65 2.91 -18.82
N TYR A 59 25.92 1.98 -17.90
CA TYR A 59 24.87 1.35 -17.10
C TYR A 59 25.46 0.97 -15.76
N ASP A 60 24.66 1.09 -14.70
CA ASP A 60 25.11 0.67 -13.38
C ASP A 60 24.75 -0.82 -13.32
N ILE A 61 25.77 -1.67 -13.31
CA ILE A 61 25.56 -3.11 -13.28
C ILE A 61 25.41 -3.63 -11.85
N GLY A 62 25.53 -2.73 -10.89
CA GLY A 62 25.34 -3.09 -9.50
C GLY A 62 24.12 -2.26 -9.12
N ALA A 63 24.18 -1.52 -8.01
CA ALA A 63 23.06 -0.68 -7.63
C ALA A 63 22.70 0.27 -8.77
N SER A 64 21.42 0.63 -8.87
CA SER A 64 20.95 1.52 -9.91
C SER A 64 19.99 2.54 -9.35
N TRP A 65 19.39 2.19 -8.22
CA TRP A 65 18.41 3.07 -7.61
C TRP A 65 18.71 3.53 -6.21
N HIS A 66 18.07 4.66 -5.90
CA HIS A 66 18.08 5.27 -4.59
C HIS A 66 16.69 4.83 -4.14
N HIS A 67 16.61 3.95 -3.17
CA HIS A 67 15.30 3.53 -2.70
C HIS A 67 14.90 4.44 -1.56
N ASP A 68 13.63 4.40 -1.18
CA ASP A 68 13.11 5.19 -0.07
C ASP A 68 13.52 6.66 -0.13
N THR A 69 13.27 7.33 -1.24
CA THR A 69 13.66 8.72 -1.39
C THR A 69 12.95 9.70 -0.45
N LEU A 70 12.15 9.20 0.48
CA LEU A 70 11.47 10.07 1.42
C LEU A 70 12.31 10.24 2.68
N THR A 71 13.25 9.32 2.90
CA THR A 71 14.09 9.36 4.07
C THR A 71 15.52 8.90 3.81
N ASN A 72 15.87 8.73 2.55
CA ASN A 72 17.21 8.26 2.16
C ASN A 72 18.25 9.37 2.29
N PRO A 73 19.03 9.38 3.39
CA PRO A 73 20.05 10.41 3.58
C PRO A 73 21.00 10.56 2.39
N LEU A 74 21.48 9.45 1.84
CA LEU A 74 22.35 9.53 0.69
C LEU A 74 21.61 10.21 -0.47
N PHE A 75 20.33 9.85 -0.66
CA PHE A 75 19.52 10.45 -1.72
C PHE A 75 19.36 11.96 -1.52
N LEU A 76 18.82 12.34 -0.37
CA LEU A 76 18.59 13.74 -0.05
C LEU A 76 19.87 14.52 -0.26
N GLU A 77 20.99 14.01 0.25
CA GLU A 77 22.28 14.67 0.07
C GLU A 77 22.52 14.94 -1.43
N GLU A 78 22.12 14.02 -2.28
CA GLU A 78 22.29 14.19 -3.73
C GLU A 78 21.32 15.21 -4.31
N ALA A 79 20.05 15.14 -3.90
CA ALA A 79 19.04 16.07 -4.38
C ALA A 79 19.46 17.49 -4.05
N GLN A 80 20.03 17.68 -2.86
CA GLN A 80 20.51 18.98 -2.41
C GLN A 80 21.50 19.52 -3.43
N LEU A 81 22.57 18.75 -3.66
CA LEU A 81 23.59 19.16 -4.61
C LEU A 81 22.98 19.51 -5.96
N SER A 82 21.82 18.93 -6.28
CA SER A 82 21.16 19.22 -7.56
C SER A 82 20.27 20.45 -7.43
N LEU A 83 19.88 20.76 -6.20
CA LEU A 83 19.03 21.93 -5.98
C LEU A 83 19.92 23.14 -6.06
N ASN A 84 21.23 22.91 -5.96
CA ASN A 84 22.21 24.00 -5.98
C ASN A 84 22.99 24.17 -7.29
N ASP A 85 22.69 23.40 -8.33
CA ASP A 85 23.43 23.54 -9.58
C ASP A 85 22.70 23.07 -10.83
N GLY A 86 21.47 22.58 -10.65
CA GLY A 86 20.68 22.12 -11.77
C GLY A 86 21.24 20.91 -12.50
N ARG A 87 22.13 20.17 -11.85
CA ARG A 87 22.71 18.97 -12.47
C ARG A 87 21.84 17.72 -12.28
N THR A 88 21.48 17.10 -13.40
CA THR A 88 20.67 15.89 -13.39
C THR A 88 21.54 14.72 -12.92
N ARG A 89 21.27 14.21 -11.72
CA ARG A 89 22.03 13.11 -11.15
C ARG A 89 21.21 11.82 -11.05
N PHE A 90 19.91 12.00 -10.98
CA PHE A 90 18.98 10.88 -10.88
C PHE A 90 17.71 11.18 -11.65
N VAL A 91 16.89 10.15 -11.84
CA VAL A 91 15.62 10.34 -12.53
C VAL A 91 14.55 9.43 -11.94
N PHE A 92 13.58 10.04 -11.25
CA PHE A 92 12.48 9.28 -10.65
C PHE A 92 11.81 8.55 -11.79
N ASP A 93 12.06 7.25 -11.89
CA ASP A 93 11.51 6.47 -12.98
C ASP A 93 10.43 5.47 -12.62
N ASP A 94 9.71 5.70 -11.52
CA ASP A 94 8.65 4.78 -11.17
C ASP A 94 7.55 4.94 -12.20
N ASP A 95 7.02 3.82 -12.67
CA ASP A 95 6.00 3.85 -13.70
C ASP A 95 4.94 2.81 -13.40
N ASN A 96 3.94 2.71 -14.28
CA ASN A 96 2.91 1.71 -14.12
C ASN A 96 3.45 0.46 -14.79
N PHE A 97 3.73 -0.56 -14.00
CA PHE A 97 4.28 -1.81 -14.54
C PHE A 97 3.47 -2.46 -15.64
N ILE A 98 4.17 -2.92 -16.67
CA ILE A 98 3.53 -3.64 -17.75
C ILE A 98 3.86 -5.09 -17.53
N TYR A 99 2.82 -5.92 -17.41
CA TYR A 99 3.04 -7.33 -17.18
C TYR A 99 2.72 -8.10 -18.45
N ILE A 100 3.64 -8.98 -18.82
CA ILE A 100 3.49 -9.77 -20.03
C ILE A 100 3.56 -11.26 -19.80
N ASP A 101 2.46 -11.95 -20.10
CA ASP A 101 2.41 -13.41 -20.01
C ASP A 101 2.81 -13.89 -21.40
N GLU A 102 3.47 -15.03 -21.51
CA GLU A 102 3.87 -15.52 -22.82
C GLU A 102 2.65 -15.76 -23.70
N GLU A 103 1.59 -16.29 -23.08
CA GLU A 103 0.36 -16.61 -23.78
C GLU A 103 -0.55 -15.42 -23.99
N ARG A 104 -1.19 -15.01 -22.91
CA ARG A 104 -2.15 -13.91 -22.90
C ARG A 104 -1.59 -12.50 -23.05
N GLY A 105 -0.36 -12.37 -23.56
CA GLY A 105 0.23 -11.05 -23.73
C GLY A 105 0.22 -10.17 -22.50
N ARG A 106 -0.19 -8.93 -22.65
CA ARG A 106 -0.25 -8.00 -21.52
C ARG A 106 -1.41 -8.30 -20.59
N VAL A 107 -1.11 -8.30 -19.29
CA VAL A 107 -2.13 -8.58 -18.29
C VAL A 107 -2.21 -7.46 -17.26
N ASP A 108 -1.41 -6.41 -17.44
CA ASP A 108 -1.45 -5.29 -16.50
C ASP A 108 -2.72 -4.49 -16.66
N HIS A 109 -3.05 -3.71 -15.63
CA HIS A 109 -4.22 -2.83 -15.65
C HIS A 109 -5.39 -3.41 -16.47
N ASP A 110 -5.70 -4.68 -16.22
CA ASP A 110 -6.79 -5.36 -16.94
C ASP A 110 -8.10 -5.25 -16.15
N LYS A 111 -9.15 -4.77 -16.81
CA LYS A 111 -10.46 -4.60 -16.18
C LYS A 111 -11.17 -5.87 -15.73
N GLU A 112 -10.77 -7.01 -16.28
CA GLU A 112 -11.38 -8.28 -15.91
C GLU A 112 -10.44 -9.04 -14.98
N LEU A 113 -9.16 -9.09 -15.32
CA LEU A 113 -8.19 -9.78 -14.47
C LEU A 113 -7.92 -9.03 -13.18
N LEU A 114 -7.83 -7.71 -13.27
CA LEU A 114 -7.58 -6.87 -12.09
C LEU A 114 -6.46 -7.41 -11.20
N LEU A 115 -5.38 -7.84 -11.82
CA LEU A 115 -4.25 -8.41 -11.08
C LEU A 115 -3.66 -7.56 -9.98
N GLU A 116 -3.33 -6.32 -10.30
CA GLU A 116 -2.73 -5.44 -9.30
C GLU A 116 -3.61 -5.26 -8.06
N ILE A 117 -4.92 -5.51 -8.19
CA ILE A 117 -5.81 -5.34 -7.05
C ILE A 117 -5.70 -6.52 -6.10
N VAL A 118 -5.63 -7.73 -6.64
CA VAL A 118 -5.50 -8.87 -5.75
C VAL A 118 -4.09 -8.92 -5.19
N ASP A 119 -3.13 -8.35 -5.91
CA ASP A 119 -1.76 -8.30 -5.41
C ASP A 119 -1.86 -7.47 -4.12
N ASN A 120 -2.59 -6.38 -4.21
CA ASN A 120 -2.76 -5.53 -3.07
C ASN A 120 -3.34 -6.33 -1.91
N GLU A 121 -4.38 -7.11 -2.18
CA GLU A 121 -4.99 -7.91 -1.12
C GLU A 121 -4.01 -8.93 -0.58
N MET A 122 -3.19 -9.48 -1.47
CA MET A 122 -2.20 -10.46 -1.10
C MET A 122 -1.20 -9.85 -0.13
N SER A 123 -0.73 -8.65 -0.47
CA SER A 123 0.21 -7.92 0.36
C SER A 123 -0.38 -7.71 1.76
N LYS A 124 -1.64 -7.29 1.82
CA LYS A 124 -2.30 -7.05 3.10
C LYS A 124 -2.48 -8.36 3.87
N PHE A 125 -2.74 -9.45 3.16
CA PHE A 125 -2.92 -10.77 3.75
C PHE A 125 -1.62 -11.20 4.41
N ALA A 126 -0.50 -10.93 3.74
CA ALA A 126 0.82 -11.28 4.26
C ALA A 126 1.12 -10.43 5.49
N GLU A 127 0.80 -9.16 5.42
CA GLU A 127 1.02 -8.26 6.54
C GLU A 127 0.17 -8.74 7.71
N LEU A 128 -1.10 -9.02 7.45
CA LEU A 128 -2.00 -9.48 8.50
C LEU A 128 -1.57 -10.81 9.07
N GLU A 129 -0.80 -11.56 8.30
CA GLU A 129 -0.36 -12.86 8.74
C GLU A 129 0.82 -12.77 9.71
N PHE A 130 1.67 -11.75 9.53
CA PHE A 130 2.83 -11.59 10.38
C PHE A 130 2.86 -10.40 11.34
N HIS A 131 1.90 -9.48 11.25
CA HIS A 131 1.85 -8.34 12.15
C HIS A 131 1.44 -8.86 13.53
N GLN A 132 0.62 -9.91 13.53
CA GLN A 132 0.18 -10.57 14.76
C GLN A 132 1.25 -11.62 14.97
N HIS A 133 2.40 -11.20 15.50
CA HIS A 133 3.52 -12.11 15.68
C HIS A 133 3.60 -12.95 16.95
N LEU A 134 2.85 -14.04 16.96
CA LEU A 134 2.89 -14.95 18.10
C LEU A 134 4.18 -15.69 17.81
N GLY A 135 4.11 -17.01 17.86
CA GLY A 135 5.27 -17.82 17.54
C GLY A 135 5.12 -18.05 16.05
N VAL A 136 4.82 -16.96 15.34
CA VAL A 136 4.59 -16.94 13.90
C VAL A 136 5.06 -18.16 13.12
N SER A 137 6.37 -18.29 12.94
CA SER A 137 6.93 -19.40 12.16
C SER A 137 6.86 -18.94 10.70
N ASP A 138 8.02 -18.71 10.11
CA ASP A 138 8.08 -18.25 8.74
C ASP A 138 7.91 -19.40 7.77
N CYS A 139 7.84 -19.08 6.49
CA CYS A 139 7.71 -20.04 5.42
C CYS A 139 8.18 -19.32 4.16
N SER A 140 8.24 -20.02 3.03
CA SER A 140 8.70 -19.38 1.81
C SER A 140 7.62 -18.49 1.25
N PHE A 141 8.03 -17.50 0.47
CA PHE A 141 7.06 -16.60 -0.14
C PHE A 141 6.05 -17.47 -0.89
N PHE A 142 6.54 -18.37 -1.74
CA PHE A 142 5.71 -19.29 -2.51
C PHE A 142 4.60 -19.87 -1.62
N GLN A 143 5.01 -20.45 -0.51
CA GLN A 143 4.10 -21.07 0.43
C GLN A 143 3.07 -20.07 0.94
N LEU A 144 3.44 -18.80 1.06
CA LEU A 144 2.52 -17.78 1.56
C LEU A 144 1.43 -17.49 0.55
N VAL A 145 1.83 -17.42 -0.70
CA VAL A 145 0.90 -17.16 -1.79
C VAL A 145 -0.05 -18.34 -1.91
N MET A 146 0.47 -19.54 -1.74
CA MET A 146 -0.39 -20.72 -1.81
C MET A 146 -1.45 -20.65 -0.71
N LYS A 147 -1.05 -20.22 0.48
CA LYS A 147 -1.98 -20.10 1.58
C LYS A 147 -3.03 -19.03 1.23
N TYR A 148 -2.61 -17.96 0.60
CA TYR A 148 -3.54 -16.91 0.23
C TYR A 148 -4.58 -17.47 -0.75
N LEU A 149 -4.09 -18.06 -1.84
CA LEU A 149 -4.98 -18.64 -2.83
C LEU A 149 -5.97 -19.61 -2.16
N LEU A 150 -5.47 -20.42 -1.23
CA LEU A 150 -6.30 -21.36 -0.52
C LEU A 150 -7.43 -20.66 0.23
N GLN A 151 -7.06 -19.78 1.15
CA GLN A 151 -8.03 -19.07 1.97
C GLN A 151 -9.00 -18.17 1.19
N ARG A 152 -8.60 -17.70 0.02
CA ARG A 152 -9.43 -16.76 -0.71
C ARG A 152 -9.95 -17.23 -2.04
N ARG A 153 -9.81 -18.53 -2.30
CA ARG A 153 -10.26 -19.12 -3.58
C ARG A 153 -11.72 -18.79 -3.94
N GLN A 154 -12.60 -18.64 -2.94
CA GLN A 154 -14.00 -18.32 -3.22
C GLN A 154 -14.17 -16.90 -3.75
N PHE A 155 -13.11 -16.11 -3.70
CA PHE A 155 -13.23 -14.73 -4.15
C PHE A 155 -12.25 -14.38 -5.25
N LEU A 156 -11.81 -15.41 -5.96
CA LEU A 156 -10.90 -15.23 -7.07
C LEU A 156 -11.43 -15.96 -8.30
N THR A 157 -11.30 -15.33 -9.46
CA THR A 157 -11.72 -15.94 -10.70
C THR A 157 -10.61 -16.94 -11.02
N ASN A 158 -10.81 -17.76 -12.04
CA ASN A 158 -9.79 -18.73 -12.35
C ASN A 158 -8.54 -18.09 -12.92
N ASP A 159 -8.73 -17.05 -13.71
CA ASP A 159 -7.59 -16.35 -14.30
C ASP A 159 -6.74 -15.62 -13.24
N GLN A 160 -7.38 -15.15 -12.18
CA GLN A 160 -6.66 -14.46 -11.13
C GLN A 160 -5.83 -15.47 -10.36
N ILE A 161 -6.41 -16.62 -10.06
CA ILE A 161 -5.68 -17.67 -9.36
C ILE A 161 -4.53 -18.16 -10.22
N ARG A 162 -4.66 -18.02 -11.53
CA ARG A 162 -3.61 -18.50 -12.40
C ARG A 162 -2.47 -17.49 -12.52
N TYR A 163 -2.82 -16.24 -12.81
CA TYR A 163 -1.81 -15.22 -13.01
C TYR A 163 -1.32 -14.46 -11.78
N LEU A 164 -2.19 -14.25 -10.79
CA LEU A 164 -1.76 -13.55 -9.59
C LEU A 164 -0.45 -14.09 -9.00
N PRO A 165 -0.41 -15.40 -8.69
CA PRO A 165 0.80 -15.99 -8.11
C PRO A 165 2.07 -15.72 -8.89
N GLN A 166 1.94 -15.50 -10.20
CA GLN A 166 3.11 -15.24 -11.03
C GLN A 166 3.43 -13.74 -11.05
N LEU A 167 2.39 -12.92 -11.06
CA LEU A 167 2.60 -11.48 -11.08
C LEU A 167 3.27 -11.00 -9.80
N CYS A 168 2.81 -11.51 -8.66
CA CYS A 168 3.37 -11.07 -7.39
C CYS A 168 4.82 -11.52 -7.21
N ARG A 169 5.31 -12.31 -8.15
CA ARG A 169 6.69 -12.80 -8.07
C ARG A 169 7.69 -11.75 -8.55
N TYR A 170 7.23 -10.56 -8.87
CA TYR A 170 8.17 -9.52 -9.28
C TYR A 170 9.05 -9.26 -8.06
N LEU A 171 8.50 -9.55 -6.89
CA LEU A 171 9.23 -9.35 -5.64
C LEU A 171 10.55 -10.12 -5.60
N GLU A 172 10.65 -11.19 -6.39
CA GLU A 172 11.89 -11.96 -6.40
C GLU A 172 13.01 -11.00 -6.82
N LEU A 173 12.68 -10.10 -7.73
CA LEU A 173 13.68 -9.17 -8.19
C LEU A 173 13.92 -8.01 -7.22
N TRP A 174 13.36 -8.11 -6.03
CA TRP A 174 13.62 -7.10 -5.01
C TRP A 174 14.69 -7.71 -4.12
N HIS A 175 14.59 -9.03 -3.93
CA HIS A 175 15.50 -9.78 -3.07
C HIS A 175 16.61 -10.57 -3.78
N GLY A 176 16.34 -10.95 -5.03
CA GLY A 176 17.32 -11.73 -5.75
C GLY A 176 17.12 -13.20 -5.44
N LEU A 177 15.93 -13.55 -4.96
CA LEU A 177 15.64 -14.94 -4.62
C LEU A 177 14.31 -15.51 -5.15
N ASP A 178 14.38 -16.74 -5.69
CA ASP A 178 13.20 -17.44 -6.19
C ASP A 178 12.26 -17.55 -5.01
N TRP A 179 10.97 -17.35 -5.24
CA TRP A 179 10.01 -17.41 -4.15
C TRP A 179 10.05 -18.66 -3.26
N LYS A 180 10.59 -19.78 -3.75
CA LYS A 180 10.66 -21.02 -2.96
C LYS A 180 11.82 -20.92 -1.94
N LEU A 181 12.75 -20.02 -2.23
CA LEU A 181 13.92 -19.84 -1.39
C LEU A 181 13.83 -18.59 -0.53
N LEU A 182 12.76 -17.83 -0.69
CA LEU A 182 12.60 -16.59 0.02
C LEU A 182 11.73 -16.67 1.26
N SER A 183 12.23 -16.03 2.32
CA SER A 183 11.53 -15.93 3.60
C SER A 183 10.30 -15.09 3.36
N ALA A 184 9.13 -15.65 3.65
CA ALA A 184 7.88 -14.93 3.47
C ALA A 184 7.88 -13.77 4.43
N LYS A 185 8.33 -14.04 5.65
CA LYS A 185 8.38 -13.05 6.72
C LYS A 185 9.14 -11.78 6.32
N ASP A 186 10.06 -11.90 5.37
CA ASP A 186 10.85 -10.78 4.91
C ASP A 186 10.44 -10.27 3.53
N THR A 187 9.53 -10.98 2.87
CA THR A 187 9.13 -10.58 1.53
C THR A 187 8.63 -9.16 1.34
N TYR A 188 7.50 -8.82 1.96
CA TYR A 188 6.94 -7.48 1.80
C TYR A 188 7.49 -6.41 2.76
N PHE A 189 8.40 -5.58 2.28
CA PHE A 189 8.90 -4.51 3.13
C PHE A 189 8.30 -3.23 2.57
N GLY A 190 8.22 -2.20 3.41
CA GLY A 190 7.64 -0.95 2.95
C GLY A 190 8.64 0.01 2.33
N HIS A 191 8.59 0.15 1.00
CA HIS A 191 9.48 1.06 0.31
C HIS A 191 8.99 2.48 0.59
N GLN A 192 9.68 3.19 1.47
CA GLN A 192 9.29 4.54 1.86
C GLN A 192 9.51 5.63 0.82
N GLY A 193 8.56 5.76 -0.09
CA GLY A 193 8.66 6.77 -1.12
C GLY A 193 9.08 6.16 -2.44
N ARG A 194 9.08 6.98 -3.48
CA ARG A 194 9.47 6.55 -4.81
C ARG A 194 10.97 6.30 -4.88
N ASN A 195 11.38 5.76 -6.02
CA ASN A 195 12.77 5.51 -6.25
C ASN A 195 13.33 6.48 -7.30
N ALA A 196 14.60 6.79 -7.16
CA ALA A 196 15.26 7.68 -8.09
C ALA A 196 16.33 6.87 -8.77
N PHE A 197 16.19 6.69 -10.07
CA PHE A 197 17.16 5.92 -10.84
C PHE A 197 18.43 6.76 -10.96
N ALA A 198 19.45 6.41 -10.19
CA ALA A 198 20.71 7.14 -10.20
C ALA A 198 21.29 7.18 -11.60
N LEU A 199 21.61 8.39 -12.05
CA LEU A 199 22.17 8.54 -13.39
C LEU A 199 23.68 8.59 -13.25
N ASN A 200 24.24 7.42 -13.00
CA ASN A 200 25.65 7.28 -12.80
C ASN A 200 25.85 7.20 -11.31
N TYR A 201 25.80 5.99 -10.76
CA TYR A 201 26.02 5.83 -9.33
C TYR A 201 27.50 6.13 -9.09
N ASP A 202 28.30 5.99 -10.14
CA ASP A 202 29.74 6.27 -10.07
C ASP A 202 30.00 7.69 -9.57
N SER A 203 29.19 8.62 -10.05
CA SER A 203 29.32 10.02 -9.68
C SER A 203 29.14 10.16 -8.18
N VAL A 204 28.39 9.23 -7.60
CA VAL A 204 28.16 9.26 -6.16
C VAL A 204 29.42 8.71 -5.51
N VAL A 205 29.98 7.68 -6.14
CA VAL A 205 31.19 7.05 -5.64
C VAL A 205 32.38 7.98 -5.75
N GLN A 206 32.59 8.55 -6.92
CA GLN A 206 33.72 9.45 -7.11
C GLN A 206 33.60 10.69 -6.20
N ARG A 207 32.40 11.22 -6.10
CA ARG A 207 32.18 12.38 -5.26
C ARG A 207 32.65 12.09 -3.85
N ILE A 208 32.30 10.91 -3.34
CA ILE A 208 32.68 10.53 -1.99
C ILE A 208 34.16 10.19 -1.92
N ALA A 209 34.66 9.46 -2.92
CA ALA A 209 36.06 9.10 -2.96
C ALA A 209 36.89 10.39 -2.94
N GLN A 210 36.57 11.29 -3.86
CA GLN A 210 37.23 12.58 -3.97
C GLN A 210 37.13 13.43 -2.70
N SER A 211 36.25 13.05 -1.79
CA SER A 211 36.06 13.84 -0.57
C SER A 211 37.12 13.61 0.49
N PHE A 212 38.16 12.85 0.18
CA PHE A 212 39.24 12.62 1.13
C PHE A 212 40.58 12.43 0.40
N PRO A 213 41.70 12.51 1.13
CA PRO A 213 43.04 12.36 0.55
C PRO A 213 43.20 11.15 -0.37
N GLN A 214 43.55 11.41 -1.62
CA GLN A 214 43.75 10.32 -2.58
C GLN A 214 44.76 9.31 -2.04
N ASN A 215 45.88 9.82 -1.52
CA ASN A 215 46.93 8.96 -1.01
C ASN A 215 46.49 7.97 0.08
N TRP A 216 45.22 8.05 0.47
CA TRP A 216 44.65 7.15 1.48
C TRP A 216 44.18 5.87 0.79
N LEU A 217 43.84 6.00 -0.49
CA LEU A 217 43.34 4.88 -1.28
C LEU A 217 44.41 3.97 -1.86
N LYS A 218 44.33 2.68 -1.55
CA LYS A 218 45.30 1.73 -2.08
C LYS A 218 44.58 0.58 -2.79
N LEU A 219 44.40 0.69 -4.10
CA LEU A 219 43.72 -0.34 -4.84
C LEU A 219 44.58 -1.60 -4.98
N SER A 220 44.00 -2.63 -5.59
CA SER A 220 44.67 -3.90 -5.81
C SER A 220 45.40 -4.47 -4.59
N CYS A 221 45.03 -4.05 -3.39
CA CYS A 221 45.64 -4.63 -2.19
C CYS A 221 44.55 -5.52 -1.56
N GLU A 222 44.77 -6.84 -1.57
CA GLU A 222 43.82 -7.78 -0.99
C GLU A 222 44.26 -8.13 0.42
N VAL A 223 43.52 -7.63 1.40
CA VAL A 223 43.81 -7.89 2.80
C VAL A 223 43.59 -9.36 3.11
N LYS A 224 44.58 -10.05 3.65
CA LYS A 224 44.40 -11.46 3.95
C LYS A 224 44.22 -11.74 5.43
N SER A 225 44.56 -10.78 6.29
CA SER A 225 44.38 -10.98 7.72
C SER A 225 44.46 -9.76 8.62
N ILE A 226 43.72 -9.84 9.72
CA ILE A 226 43.65 -8.79 10.72
C ILE A 226 43.96 -9.46 12.05
N THR A 227 45.05 -9.07 12.68
CA THR A 227 45.42 -9.67 13.95
C THR A 227 45.35 -8.63 15.06
N ARG A 228 44.71 -8.99 16.16
CA ARG A 228 44.58 -8.09 17.29
C ARG A 228 45.64 -8.31 18.33
N GLU A 229 46.62 -7.42 18.36
CA GLU A 229 47.67 -7.50 19.34
C GLU A 229 47.00 -6.95 20.60
N PRO A 230 46.74 -7.82 21.59
CA PRO A 230 46.10 -7.34 22.81
C PRO A 230 46.77 -6.07 23.33
N SER A 231 47.99 -5.82 22.83
CA SER A 231 48.80 -4.66 23.17
C SER A 231 48.23 -3.34 22.64
N LYS A 232 46.89 -3.27 22.54
CA LYS A 232 46.20 -2.06 22.08
C LYS A 232 46.51 -1.65 20.63
N ASN A 233 46.50 -2.62 19.71
CA ASN A 233 46.79 -2.33 18.30
C ASN A 233 46.22 -3.38 17.36
N VAL A 234 46.09 -3.03 16.09
CA VAL A 234 45.57 -3.96 15.09
C VAL A 234 46.51 -4.06 13.90
N THR A 235 46.96 -5.28 13.61
CA THR A 235 47.88 -5.52 12.50
C THR A 235 47.08 -6.00 11.27
N VAL A 236 47.34 -5.39 10.12
CA VAL A 236 46.66 -5.76 8.89
C VAL A 236 47.67 -6.17 7.80
N ASN A 237 47.36 -7.24 7.08
CA ASN A 237 48.26 -7.75 6.04
C ASN A 237 47.69 -7.85 4.62
N CYS A 238 48.17 -7.03 3.68
CA CYS A 238 47.73 -7.12 2.28
C CYS A 238 48.42 -8.38 1.74
N GLU A 239 47.95 -8.93 0.62
CA GLU A 239 48.57 -10.11 0.03
C GLU A 239 49.81 -9.62 -0.70
N ASP A 240 49.82 -8.33 -1.03
CA ASP A 240 50.94 -7.72 -1.73
C ASP A 240 52.16 -7.71 -0.81
N GLY A 241 52.06 -8.42 0.30
CA GLY A 241 53.16 -8.50 1.23
C GLY A 241 53.21 -7.45 2.32
N THR A 242 52.75 -6.23 2.02
CA THR A 242 52.77 -5.15 3.00
C THR A 242 52.11 -5.53 4.32
N VAL A 243 52.42 -4.74 5.36
CA VAL A 243 51.87 -4.97 6.68
C VAL A 243 51.67 -3.62 7.34
N TYR A 244 50.41 -3.26 7.59
CA TYR A 244 50.14 -1.99 8.24
C TYR A 244 49.71 -2.26 9.67
N ASN A 245 49.84 -1.25 10.51
CA ASN A 245 49.46 -1.34 11.92
C ASN A 245 48.44 -0.23 12.13
N ALA A 246 47.42 -0.45 12.93
CA ALA A 246 46.43 0.61 13.12
C ALA A 246 45.67 0.51 14.43
N ASP A 247 45.22 1.68 14.90
CA ASP A 247 44.46 1.76 16.13
C ASP A 247 43.07 1.19 15.92
N TYR A 248 42.51 1.46 14.75
CA TYR A 248 41.18 0.99 14.42
C TYR A 248 41.06 0.49 12.97
N VAL A 249 40.24 -0.54 12.79
CA VAL A 249 40.01 -1.10 11.46
C VAL A 249 38.51 -1.24 11.21
N ILE A 250 38.06 -0.75 10.07
CA ILE A 250 36.65 -0.86 9.72
C ILE A 250 36.55 -1.81 8.54
N ILE A 251 36.17 -3.05 8.84
CA ILE A 251 36.03 -4.07 7.82
C ILE A 251 34.68 -3.91 7.15
N THR A 252 34.68 -3.66 5.84
CA THR A 252 33.43 -3.50 5.11
C THR A 252 33.25 -4.54 4.00
N VAL A 253 33.91 -5.69 4.14
CA VAL A 253 33.79 -6.70 3.12
C VAL A 253 32.41 -7.36 3.17
N PRO A 254 31.90 -7.81 2.01
CA PRO A 254 30.59 -8.46 1.94
C PRO A 254 30.42 -9.61 2.93
N GLN A 255 29.22 -9.70 3.47
CA GLN A 255 28.84 -10.75 4.42
C GLN A 255 29.29 -12.08 3.85
N SER A 256 29.10 -12.25 2.54
CA SER A 256 29.48 -13.47 1.85
C SER A 256 30.98 -13.71 1.96
N VAL A 257 31.76 -12.65 1.89
CA VAL A 257 33.20 -12.78 1.99
C VAL A 257 33.60 -12.89 3.45
N LEU A 258 32.95 -12.12 4.32
CA LEU A 258 33.28 -12.18 5.74
C LEU A 258 32.97 -13.56 6.28
N ASN A 259 32.02 -14.21 5.63
CA ASN A 259 31.58 -15.54 6.03
C ASN A 259 32.71 -16.55 5.87
N LEU A 260 33.59 -16.29 4.90
CA LEU A 260 34.72 -17.18 4.62
C LEU A 260 35.67 -17.33 5.81
N SER A 261 35.60 -16.40 6.75
CA SER A 261 36.47 -16.44 7.92
C SER A 261 36.07 -17.52 8.91
N VAL A 262 34.77 -17.77 9.03
CA VAL A 262 34.28 -18.77 9.96
C VAL A 262 34.46 -20.20 9.48
N GLN A 263 35.44 -20.42 8.61
CA GLN A 263 35.70 -21.74 8.05
C GLN A 263 37.18 -21.95 7.77
N PRO A 264 37.70 -23.15 8.08
CA PRO A 264 39.12 -23.42 7.83
C PRO A 264 39.32 -23.48 6.33
N GLU A 265 40.42 -22.88 5.87
CA GLU A 265 40.81 -22.76 4.45
C GLU A 265 41.17 -21.29 4.30
N LYS A 266 42.45 -20.98 4.49
CA LYS A 266 42.90 -19.58 4.42
C LYS A 266 43.14 -19.04 3.01
N ASN A 267 43.46 -19.91 2.06
CA ASN A 267 43.74 -19.46 0.71
C ASN A 267 42.53 -19.27 -0.20
N LEU A 268 41.54 -18.52 0.29
CA LEU A 268 40.34 -18.22 -0.49
C LEU A 268 40.43 -16.76 -0.85
N ARG A 269 40.31 -16.44 -2.14
CA ARG A 269 40.38 -15.05 -2.59
C ARG A 269 39.39 -14.19 -1.82
N GLY A 270 39.90 -13.21 -1.08
CA GLY A 270 39.02 -12.34 -0.33
C GLY A 270 38.86 -12.67 1.14
N ARG A 271 39.21 -13.90 1.50
CA ARG A 271 39.09 -14.34 2.88
C ARG A 271 40.09 -13.68 3.83
N ILE A 272 39.58 -13.12 4.91
CA ILE A 272 40.41 -12.47 5.89
C ILE A 272 40.59 -13.40 7.07
N GLU A 273 41.83 -13.52 7.55
CA GLU A 273 42.13 -14.40 8.68
C GLU A 273 42.12 -13.56 9.94
N PHE A 274 41.20 -13.86 10.86
CA PHE A 274 41.13 -13.10 12.10
C PHE A 274 41.84 -13.79 13.27
N GLN A 275 42.60 -13.00 14.02
CA GLN A 275 43.32 -13.48 15.20
C GLN A 275 43.33 -12.39 16.26
N PRO A 276 42.57 -12.58 17.35
CA PRO A 276 41.73 -13.76 17.57
C PRO A 276 40.59 -13.88 16.55
N PRO A 277 40.11 -15.11 16.32
CA PRO A 277 39.02 -15.37 15.38
C PRO A 277 37.72 -14.72 15.81
N LEU A 278 36.90 -14.35 14.82
CA LEU A 278 35.63 -13.71 15.06
C LEU A 278 34.84 -14.36 16.18
N LYS A 279 34.48 -13.55 17.17
CA LYS A 279 33.72 -14.01 18.34
C LYS A 279 32.56 -14.91 17.96
N PRO A 280 32.14 -15.78 18.88
CA PRO A 280 31.04 -16.71 18.64
C PRO A 280 29.71 -16.06 18.22
N VAL A 281 29.39 -14.91 18.80
CA VAL A 281 28.14 -14.22 18.44
C VAL A 281 28.10 -13.77 16.98
N ILE A 282 29.28 -13.58 16.38
CA ILE A 282 29.36 -13.17 14.98
C ILE A 282 29.31 -14.39 14.05
N GLN A 283 30.06 -15.44 14.39
CA GLN A 283 30.07 -16.66 13.60
C GLN A 283 28.66 -17.23 13.56
N ASP A 284 28.08 -17.41 14.74
CA ASP A 284 26.74 -17.96 14.85
C ASP A 284 25.70 -17.13 14.14
N ALA A 285 25.99 -15.84 13.93
CA ALA A 285 25.02 -14.97 13.24
C ALA A 285 24.93 -15.31 11.75
N PHE A 286 25.95 -15.97 11.23
CA PHE A 286 25.95 -16.37 9.81
C PHE A 286 24.90 -17.43 9.56
N ASP A 287 24.65 -18.26 10.56
CA ASP A 287 23.65 -19.31 10.42
C ASP A 287 22.28 -18.68 10.34
N LYS A 288 22.19 -17.38 10.60
CA LYS A 288 20.89 -16.72 10.59
C LYS A 288 20.49 -15.78 9.45
N ILE A 289 21.33 -15.67 8.43
CA ILE A 289 21.01 -14.89 7.24
C ILE A 289 21.94 -15.30 6.12
N HIS A 290 21.45 -15.17 4.90
CA HIS A 290 22.22 -15.57 3.72
C HIS A 290 22.34 -14.48 2.65
N PHE A 291 22.90 -14.84 1.50
CA PHE A 291 23.09 -13.89 0.42
C PHE A 291 22.18 -14.18 -0.76
N GLY A 292 21.68 -13.13 -1.40
CA GLY A 292 20.82 -13.29 -2.56
C GLY A 292 21.65 -13.14 -3.82
N ALA A 293 21.10 -13.51 -4.97
CA ALA A 293 21.83 -13.38 -6.22
C ALA A 293 21.07 -12.61 -7.29
N LEU A 294 20.87 -11.33 -7.06
CA LEU A 294 20.18 -10.52 -8.05
C LEU A 294 21.24 -10.32 -9.12
N GLY A 295 20.81 -10.25 -10.38
CA GLY A 295 21.78 -10.09 -11.44
C GLY A 295 21.24 -9.14 -12.48
N LYS A 296 22.13 -8.60 -13.29
CA LYS A 296 21.71 -7.68 -14.32
C LYS A 296 22.22 -8.07 -15.70
N VAL A 297 21.39 -7.83 -16.71
CA VAL A 297 21.75 -8.10 -18.08
C VAL A 297 21.29 -6.88 -18.86
N ILE A 298 22.19 -6.35 -19.69
CA ILE A 298 21.88 -5.16 -20.48
C ILE A 298 21.68 -5.51 -21.93
N PHE A 299 20.52 -5.18 -22.46
CA PHE A 299 20.25 -5.45 -23.86
C PHE A 299 20.31 -4.11 -24.58
N GLU A 300 21.37 -3.92 -25.33
CA GLU A 300 21.56 -2.68 -26.07
C GLU A 300 21.10 -2.88 -27.51
N PHE A 301 20.38 -1.90 -28.04
CA PHE A 301 19.90 -1.95 -29.42
C PHE A 301 20.39 -0.71 -30.15
N GLU A 302 20.22 -0.69 -31.47
CA GLU A 302 20.65 0.45 -32.26
C GLU A 302 19.87 1.68 -31.82
N GLU A 303 18.60 1.73 -32.19
CA GLU A 303 17.72 2.84 -31.83
C GLU A 303 16.45 2.22 -31.25
N CYS A 304 15.50 3.06 -30.84
CA CYS A 304 14.26 2.55 -30.26
C CYS A 304 13.06 2.45 -31.21
N CYS A 305 12.69 1.22 -31.56
CA CYS A 305 11.54 0.97 -32.42
C CYS A 305 10.49 0.19 -31.64
N TRP A 306 10.11 0.74 -30.49
CA TRP A 306 9.11 0.15 -29.62
C TRP A 306 8.42 1.22 -28.77
N SER A 307 7.22 0.92 -28.30
CA SER A 307 6.47 1.86 -27.46
C SER A 307 7.16 2.22 -26.15
N ASN A 308 7.02 3.47 -25.74
CA ASN A 308 7.61 3.92 -24.48
C ASN A 308 6.47 4.31 -23.54
N GLU A 309 5.46 3.43 -23.45
CA GLU A 309 4.29 3.66 -22.59
C GLU A 309 4.80 3.70 -21.17
N SER A 310 5.78 2.85 -20.88
CA SER A 310 6.36 2.78 -19.55
C SER A 310 7.82 2.33 -19.59
N SER A 311 8.48 2.43 -18.45
CA SER A 311 9.87 2.04 -18.35
C SER A 311 10.00 0.79 -17.47
N LYS A 312 8.87 0.30 -16.94
CA LYS A 312 8.87 -0.88 -16.08
C LYS A 312 8.09 -1.99 -16.75
N ILE A 313 8.77 -3.06 -17.16
CA ILE A 313 8.09 -4.19 -17.77
C ILE A 313 8.54 -5.43 -17.03
N VAL A 314 7.60 -6.29 -16.67
CA VAL A 314 7.92 -7.54 -15.99
C VAL A 314 7.31 -8.68 -16.80
N THR A 315 8.08 -9.71 -17.08
CA THR A 315 7.55 -10.82 -17.84
C THR A 315 7.20 -11.94 -16.85
N LEU A 316 5.95 -12.37 -16.79
CA LEU A 316 5.59 -13.43 -15.86
C LEU A 316 6.03 -14.79 -16.35
N ALA A 317 6.29 -15.71 -15.43
CA ALA A 317 6.68 -17.05 -15.82
C ALA A 317 5.40 -17.73 -16.35
N ASN A 318 5.57 -18.85 -17.04
CA ASN A 318 4.43 -19.58 -17.57
C ASN A 318 3.57 -20.13 -16.44
N SER A 319 2.26 -20.04 -16.61
CA SER A 319 1.32 -20.60 -15.64
C SER A 319 0.48 -21.64 -16.40
N THR A 320 -0.29 -22.45 -15.69
CA THR A 320 -1.12 -23.46 -16.37
C THR A 320 -2.50 -23.51 -15.75
N ASN A 321 -3.52 -23.66 -16.60
CA ASN A 321 -4.91 -23.74 -16.13
C ASN A 321 -5.00 -24.96 -15.23
N GLU A 322 -4.07 -25.89 -15.43
CA GLU A 322 -4.01 -27.09 -14.63
C GLU A 322 -3.78 -26.72 -13.18
N PHE A 323 -2.91 -25.74 -12.95
CA PHE A 323 -2.60 -25.26 -11.60
C PHE A 323 -3.90 -24.74 -10.93
N VAL A 324 -4.72 -24.02 -11.69
CA VAL A 324 -5.96 -23.51 -11.14
C VAL A 324 -6.85 -24.62 -10.63
N GLU A 325 -6.95 -25.68 -11.43
CA GLU A 325 -7.78 -26.84 -11.06
C GLU A 325 -7.23 -27.45 -9.78
N ILE A 326 -5.92 -27.44 -9.61
CA ILE A 326 -5.34 -27.99 -8.41
C ILE A 326 -5.71 -27.19 -7.18
N VAL A 327 -5.74 -25.87 -7.32
CA VAL A 327 -6.10 -24.99 -6.20
C VAL A 327 -7.58 -25.16 -5.85
N ARG A 328 -8.42 -25.26 -6.87
CA ARG A 328 -9.86 -25.45 -6.67
C ARG A 328 -10.16 -26.76 -5.95
N ASN A 329 -9.42 -27.81 -6.28
CA ASN A 329 -9.68 -29.12 -5.70
C ASN A 329 -8.93 -29.50 -4.42
N ALA A 330 -7.83 -28.79 -4.12
CA ALA A 330 -7.08 -29.11 -2.91
C ALA A 330 -7.95 -28.91 -1.66
N GLU A 331 -7.57 -29.54 -0.55
CA GLU A 331 -8.34 -29.39 0.68
C GLU A 331 -7.59 -28.55 1.71
N ASN A 332 -6.27 -28.55 1.62
CA ASN A 332 -5.44 -27.82 2.55
C ASN A 332 -4.06 -27.60 1.95
N LEU A 333 -3.17 -27.03 2.74
CA LEU A 333 -1.82 -26.75 2.26
C LEU A 333 -1.09 -28.07 2.00
N ASP A 334 -1.33 -29.07 2.84
CA ASP A 334 -0.70 -30.37 2.67
C ASP A 334 -1.03 -30.98 1.31
N GLU A 335 -2.31 -31.14 1.02
CA GLU A 335 -2.71 -31.72 -0.25
C GLU A 335 -2.25 -30.89 -1.44
N LEU A 336 -2.29 -29.57 -1.28
CA LEU A 336 -1.89 -28.64 -2.34
C LEU A 336 -0.46 -28.88 -2.79
N ASP A 337 0.46 -29.01 -1.85
CA ASP A 337 1.84 -29.25 -2.22
C ASP A 337 1.96 -30.60 -2.92
N SER A 338 1.33 -31.61 -2.32
CA SER A 338 1.33 -32.95 -2.86
C SER A 338 0.82 -32.91 -4.30
N MET A 339 -0.40 -32.39 -4.48
CA MET A 339 -0.97 -32.30 -5.81
C MET A 339 -0.06 -31.46 -6.71
N LEU A 340 0.80 -30.65 -6.11
CA LEU A 340 1.70 -29.81 -6.89
C LEU A 340 2.95 -30.56 -7.32
N GLU A 341 3.17 -31.72 -6.70
CA GLU A 341 4.31 -32.57 -7.05
C GLU A 341 4.15 -32.92 -8.53
N ARG A 342 5.14 -32.57 -9.35
CA ARG A 342 5.08 -32.85 -10.78
C ARG A 342 6.44 -33.27 -11.37
N THR A 349 10.12 -29.34 -18.53
CA THR A 349 11.37 -29.54 -17.82
C THR A 349 12.50 -28.69 -18.46
N SER A 350 13.45 -28.27 -17.63
CA SER A 350 14.59 -27.44 -18.04
C SER A 350 14.23 -25.95 -18.03
N VAL A 351 15.18 -25.14 -17.56
CA VAL A 351 15.00 -23.69 -17.41
C VAL A 351 15.04 -22.82 -18.65
N THR A 352 13.95 -22.11 -18.90
CA THR A 352 13.91 -21.21 -20.05
C THR A 352 13.66 -19.80 -19.54
N CYS A 353 13.75 -18.83 -20.44
CA CYS A 353 13.54 -17.44 -20.09
C CYS A 353 12.16 -17.19 -19.53
N TRP A 354 11.32 -18.22 -19.51
CA TRP A 354 9.95 -18.15 -19.01
C TRP A 354 9.77 -19.03 -17.77
N SER A 355 10.86 -19.54 -17.21
CA SER A 355 10.75 -20.39 -16.03
C SER A 355 10.64 -19.56 -14.75
N GLN A 356 10.87 -18.25 -14.88
CA GLN A 356 10.79 -17.32 -13.75
C GLN A 356 10.49 -15.92 -14.26
N PRO A 357 9.93 -15.05 -13.39
CA PRO A 357 9.64 -13.69 -13.85
C PRO A 357 10.96 -13.01 -14.15
N LEU A 358 10.92 -11.98 -14.97
CA LEU A 358 12.12 -11.24 -15.28
C LEU A 358 11.69 -9.80 -15.25
N PHE A 359 12.57 -8.92 -14.81
CA PHE A 359 12.25 -7.50 -14.69
C PHE A 359 13.06 -6.70 -15.68
N PHE A 360 12.36 -5.99 -16.56
CA PHE A 360 13.02 -5.16 -17.57
C PHE A 360 12.84 -3.67 -17.34
N VAL A 361 13.96 -2.95 -17.30
CA VAL A 361 13.89 -1.50 -17.13
C VAL A 361 14.03 -0.94 -18.52
N ASN A 362 12.94 -0.40 -19.07
CA ASN A 362 12.96 0.19 -20.40
C ASN A 362 13.66 1.55 -20.33
N LEU A 363 14.99 1.52 -20.45
CA LEU A 363 15.78 2.73 -20.36
C LEU A 363 15.41 3.80 -21.37
N SER A 364 14.89 3.37 -22.52
CA SER A 364 14.49 4.30 -23.57
C SER A 364 13.66 5.46 -23.03
N LYS A 365 12.50 5.16 -22.45
CA LYS A 365 11.63 6.20 -21.94
C LYS A 365 12.24 7.08 -20.85
N SER A 366 12.87 6.45 -19.88
CA SER A 366 13.45 7.15 -18.75
C SER A 366 14.81 7.80 -18.96
N THR A 367 15.55 7.39 -19.98
CA THR A 367 16.88 7.96 -20.21
C THR A 367 17.18 8.27 -21.68
N GLY A 368 16.31 7.79 -22.57
CA GLY A 368 16.53 8.01 -23.99
C GLY A 368 17.38 6.93 -24.62
N VAL A 369 18.14 6.21 -23.80
CA VAL A 369 18.99 5.14 -24.31
C VAL A 369 18.18 3.95 -24.78
N ALA A 370 18.39 3.55 -26.03
CA ALA A 370 17.68 2.41 -26.61
C ALA A 370 18.22 1.11 -26.03
N SER A 371 18.09 0.93 -24.72
CA SER A 371 18.58 -0.27 -24.07
C SER A 371 17.66 -0.77 -22.96
N PHE A 372 17.82 -2.03 -22.60
CA PHE A 372 17.05 -2.66 -21.54
C PHE A 372 17.91 -3.07 -20.34
N MET A 373 17.49 -2.72 -19.14
CA MET A 373 18.20 -3.15 -17.94
C MET A 373 17.30 -4.23 -17.35
N MET A 374 17.73 -5.48 -17.44
CA MET A 374 16.95 -6.60 -16.93
C MET A 374 17.52 -7.20 -15.67
N LEU A 375 16.66 -7.39 -14.67
CA LEU A 375 17.10 -8.00 -13.42
C LEU A 375 16.67 -9.47 -13.37
N MET A 376 17.47 -10.29 -12.69
CA MET A 376 17.20 -11.71 -12.58
C MET A 376 17.50 -12.14 -11.15
N GLN A 377 16.95 -13.28 -10.74
CA GLN A 377 17.14 -13.77 -9.39
C GLN A 377 17.88 -15.09 -9.38
N ALA A 378 17.96 -15.70 -8.21
CA ALA A 378 18.62 -16.97 -8.07
C ALA A 378 17.52 -18.04 -8.15
N PRO A 379 17.81 -19.21 -8.74
CA PRO A 379 19.10 -19.58 -9.31
C PRO A 379 19.42 -19.17 -10.75
N LEU A 380 18.53 -18.44 -11.40
CA LEU A 380 18.82 -18.05 -12.77
C LEU A 380 20.10 -17.24 -12.89
N THR A 381 20.24 -16.24 -12.03
CA THR A 381 21.41 -15.38 -12.02
C THR A 381 22.74 -16.11 -12.07
N ASN A 382 22.85 -17.18 -11.31
CA ASN A 382 24.09 -17.95 -11.28
C ASN A 382 24.36 -18.61 -12.61
N HIS A 383 23.32 -19.25 -13.16
CA HIS A 383 23.48 -19.92 -14.44
C HIS A 383 23.79 -18.94 -15.56
N ILE A 384 23.07 -17.83 -15.60
CA ILE A 384 23.32 -16.86 -16.66
C ILE A 384 24.71 -16.24 -16.52
N GLU A 385 25.14 -15.95 -15.29
CA GLU A 385 26.46 -15.34 -15.13
C GLU A 385 27.54 -16.36 -15.44
N SER A 386 27.24 -17.64 -15.29
CA SER A 386 28.23 -18.68 -15.57
C SER A 386 28.58 -18.71 -17.05
N ILE A 387 27.63 -18.33 -17.90
CA ILE A 387 27.82 -18.31 -19.35
C ILE A 387 27.70 -16.91 -19.90
N ARG A 388 28.19 -15.92 -19.15
CA ARG A 388 28.13 -14.53 -19.56
C ARG A 388 28.97 -14.21 -20.79
N GLU A 389 29.71 -15.20 -21.29
CA GLU A 389 30.52 -14.98 -22.46
C GLU A 389 29.81 -15.42 -23.74
N ASP A 390 29.17 -16.57 -23.67
CA ASP A 390 28.45 -17.13 -24.80
C ASP A 390 27.31 -16.20 -25.22
N LYS A 391 27.67 -15.09 -25.86
CA LYS A 391 26.71 -14.11 -26.34
C LYS A 391 25.64 -14.73 -27.23
N GLU A 392 26.05 -15.65 -28.08
CA GLU A 392 25.10 -16.32 -28.97
C GLU A 392 24.05 -17.03 -28.11
N ARG A 393 24.53 -17.83 -27.16
CA ARG A 393 23.68 -18.58 -26.26
C ARG A 393 22.76 -17.70 -25.41
N LEU A 394 23.30 -16.57 -24.94
CA LEU A 394 22.51 -15.64 -24.15
C LEU A 394 21.33 -15.11 -24.96
N PHE A 395 21.62 -14.61 -26.17
CA PHE A 395 20.59 -14.09 -27.06
C PHE A 395 19.56 -15.18 -27.32
N SER A 396 20.04 -16.39 -27.56
CA SER A 396 19.15 -17.50 -27.79
C SER A 396 18.29 -17.75 -26.56
N PHE A 397 18.84 -17.45 -25.38
CA PHE A 397 18.10 -17.68 -24.15
C PHE A 397 16.98 -16.66 -23.94
N PHE A 398 17.31 -15.39 -24.14
CA PHE A 398 16.35 -14.31 -23.94
C PHE A 398 15.59 -13.83 -25.18
N GLN A 399 15.69 -14.57 -26.27
CA GLN A 399 15.02 -14.21 -27.51
C GLN A 399 13.51 -14.28 -27.34
N PRO A 400 13.00 -15.39 -26.80
CA PRO A 400 11.55 -15.47 -26.63
C PRO A 400 10.92 -14.29 -25.86
N VAL A 401 11.47 -13.95 -24.69
CA VAL A 401 10.90 -12.83 -23.93
C VAL A 401 11.21 -11.51 -24.61
N LEU A 402 12.39 -11.41 -25.21
CA LEU A 402 12.75 -10.19 -25.90
C LEU A 402 11.71 -9.92 -26.96
N ASN A 403 11.42 -10.92 -27.77
CA ASN A 403 10.40 -10.76 -28.81
C ASN A 403 9.10 -10.35 -28.15
N LYS A 404 8.49 -11.27 -27.41
CA LYS A 404 7.21 -11.00 -26.73
C LYS A 404 7.11 -9.57 -26.23
N ILE A 405 8.16 -9.08 -25.58
CA ILE A 405 8.11 -7.71 -25.09
C ILE A 405 7.89 -6.79 -26.30
N MET A 406 8.77 -6.92 -27.28
CA MET A 406 8.66 -6.10 -28.49
C MET A 406 7.29 -6.23 -29.12
N LYS A 407 6.73 -7.44 -29.11
CA LYS A 407 5.40 -7.64 -29.67
C LYS A 407 4.45 -6.76 -28.87
N CYS A 408 4.30 -7.07 -27.59
CA CYS A 408 3.42 -6.30 -26.72
C CYS A 408 3.71 -4.81 -26.75
N LEU A 409 4.92 -4.45 -27.15
CA LEU A 409 5.30 -3.05 -27.22
C LEU A 409 5.19 -2.48 -28.64
N ASP A 410 4.54 -3.25 -29.52
CA ASP A 410 4.32 -2.86 -30.92
C ASP A 410 5.58 -2.80 -31.77
N SER A 411 6.06 -3.97 -32.17
CA SER A 411 7.26 -4.08 -32.97
C SER A 411 7.43 -5.53 -33.39
N GLU A 412 8.40 -5.81 -34.23
CA GLU A 412 8.63 -7.17 -34.67
C GLU A 412 9.71 -7.82 -33.84
N ASP A 413 10.10 -9.03 -34.23
CA ASP A 413 11.12 -9.77 -33.51
C ASP A 413 12.50 -9.13 -33.54
N VAL A 414 13.30 -9.47 -32.53
CA VAL A 414 14.64 -8.94 -32.41
C VAL A 414 15.62 -9.46 -33.46
N ILE A 415 16.53 -8.59 -33.86
CA ILE A 415 17.56 -8.89 -34.86
C ILE A 415 18.93 -8.99 -34.21
N ASP A 416 19.59 -10.12 -34.41
CA ASP A 416 20.92 -10.33 -33.83
C ASP A 416 21.97 -9.51 -34.57
N GLY A 417 22.18 -8.28 -34.14
CA GLY A 417 23.16 -7.43 -34.79
C GLY A 417 24.35 -7.16 -33.90
N MET A 418 24.74 -8.16 -33.10
CA MET A 418 25.86 -8.01 -32.19
C MET A 418 27.22 -7.96 -32.87
N ARG A 419 27.40 -8.78 -33.91
CA ARG A 419 28.64 -8.78 -34.66
C ARG A 419 28.35 -8.17 -36.03
N PRO A 420 28.25 -6.83 -36.09
CA PRO A 420 27.96 -6.07 -37.32
C PRO A 420 28.17 -6.80 -38.65
N ALA A 427 14.74 -0.35 -39.56
CA ALA A 427 14.24 0.91 -39.00
C ALA A 427 13.09 0.65 -38.04
N ASN A 428 12.25 -0.33 -38.36
CA ASN A 428 11.10 -0.66 -37.52
C ASN A 428 11.34 -1.98 -36.80
N LYS A 429 12.40 -2.68 -37.21
CA LYS A 429 12.74 -3.97 -36.60
C LYS A 429 13.85 -3.76 -35.57
N PRO A 430 13.62 -4.19 -34.32
CA PRO A 430 14.61 -4.05 -33.26
C PRO A 430 15.91 -4.79 -33.54
N VAL A 431 17.03 -4.10 -33.38
CA VAL A 431 18.34 -4.70 -33.62
C VAL A 431 19.22 -4.64 -32.37
N LEU A 432 19.47 -5.82 -31.80
CA LEU A 432 20.30 -5.94 -30.61
C LEU A 432 21.77 -5.88 -31.01
N ARG A 433 22.51 -4.98 -30.40
CA ARG A 433 23.93 -4.84 -30.71
C ARG A 433 24.81 -5.50 -29.65
N ASN A 434 24.46 -5.30 -28.39
CA ASN A 434 25.27 -5.85 -27.32
C ASN A 434 24.50 -6.47 -26.15
N ILE A 435 25.20 -7.22 -25.33
CA ILE A 435 24.60 -7.82 -24.16
C ILE A 435 25.63 -7.83 -23.06
N ILE A 436 25.36 -7.09 -22.00
CA ILE A 436 26.26 -7.02 -20.85
C ILE A 436 25.62 -7.82 -19.72
N VAL A 437 26.42 -8.61 -19.01
CA VAL A 437 25.92 -9.42 -17.91
C VAL A 437 26.73 -9.14 -16.64
N SER A 438 26.05 -9.16 -15.50
CA SER A 438 26.71 -8.93 -14.21
C SER A 438 27.61 -10.15 -13.91
N ASN A 439 28.41 -10.07 -12.85
CA ASN A 439 29.31 -11.17 -12.51
C ASN A 439 29.56 -11.28 -11.02
N TRP A 440 28.60 -10.79 -10.23
CA TRP A 440 28.70 -10.78 -8.77
C TRP A 440 28.85 -12.14 -8.09
N THR A 441 28.24 -13.18 -8.63
CA THR A 441 28.36 -14.49 -7.98
C THR A 441 29.76 -15.05 -8.16
N ARG A 442 30.31 -14.90 -9.35
CA ARG A 442 31.63 -15.43 -9.65
C ARG A 442 32.80 -14.52 -9.26
N ASP A 443 32.48 -13.32 -8.81
CA ASP A 443 33.48 -12.36 -8.38
C ASP A 443 33.89 -12.70 -6.95
N PRO A 444 35.14 -13.12 -6.73
CA PRO A 444 35.60 -13.47 -5.39
C PRO A 444 35.46 -12.38 -4.33
N TYR A 445 35.32 -11.12 -4.76
CA TYR A 445 35.22 -10.05 -3.79
C TYR A 445 33.80 -9.57 -3.50
N SER A 446 32.82 -10.27 -4.04
CA SER A 446 31.43 -9.98 -3.75
C SER A 446 30.73 -11.33 -3.47
N ARG A 447 30.93 -12.32 -4.34
CA ARG A 447 30.32 -13.64 -4.14
C ARG A 447 28.84 -13.51 -3.86
N GLY A 448 28.16 -12.74 -4.68
CA GLY A 448 26.74 -12.56 -4.48
C GLY A 448 26.29 -11.14 -4.73
N ALA A 449 25.06 -10.85 -4.33
CA ALA A 449 24.50 -9.53 -4.54
C ALA A 449 24.40 -8.73 -3.24
N TYR A 450 23.65 -9.26 -2.28
CA TYR A 450 23.47 -8.59 -0.99
C TYR A 450 22.74 -9.48 0.01
N SER A 451 22.78 -9.08 1.28
CA SER A 451 22.12 -9.86 2.32
C SER A 451 20.66 -10.08 1.96
N ALA A 452 20.20 -11.31 2.12
CA ALA A 452 18.82 -11.69 1.81
C ALA A 452 18.39 -12.82 2.75
N CYS A 453 17.09 -12.94 3.02
CA CYS A 453 16.59 -13.96 3.94
C CYS A 453 15.96 -15.23 3.40
N PHE A 454 16.38 -16.36 3.96
CA PHE A 454 15.82 -17.66 3.59
C PHE A 454 14.76 -17.91 4.65
N PRO A 455 13.82 -18.81 4.39
CA PRO A 455 12.82 -19.01 5.45
C PRO A 455 13.42 -19.65 6.69
N VAL A 460 18.61 -9.94 12.01
CA VAL A 460 18.84 -9.02 13.13
C VAL A 460 20.05 -9.44 13.96
N ASP A 461 20.25 -10.74 14.11
CA ASP A 461 21.40 -11.21 14.88
C ASP A 461 22.67 -10.66 14.24
N MET A 462 22.71 -10.66 12.91
CA MET A 462 23.87 -10.17 12.18
C MET A 462 24.12 -8.69 12.37
N VAL A 463 23.06 -7.88 12.28
CA VAL A 463 23.19 -6.45 12.46
C VAL A 463 23.74 -6.12 13.83
N VAL A 464 23.22 -6.80 14.85
CA VAL A 464 23.66 -6.58 16.22
C VAL A 464 25.14 -6.94 16.37
N ALA A 465 25.50 -8.18 16.03
CA ALA A 465 26.87 -8.65 16.14
C ALA A 465 27.84 -7.81 15.30
N MET A 466 27.36 -7.30 14.17
CA MET A 466 28.18 -6.49 13.30
C MET A 466 28.45 -5.12 13.90
N SER A 467 27.39 -4.35 14.11
CA SER A 467 27.51 -2.99 14.63
C SER A 467 28.15 -2.90 16.02
N ASN A 468 28.28 -4.04 16.69
CA ASN A 468 28.90 -4.06 18.01
C ASN A 468 30.37 -4.43 17.90
N GLY A 469 30.80 -4.69 16.67
CA GLY A 469 32.18 -5.04 16.36
C GLY A 469 32.83 -6.26 16.99
N GLN A 470 34.01 -6.62 16.48
CA GLN A 470 34.76 -7.75 17.03
C GLN A 470 35.27 -7.37 18.41
N ASP A 471 35.57 -6.08 18.55
CA ASP A 471 36.02 -5.49 19.80
C ASP A 471 36.21 -4.00 19.57
N SER A 472 36.56 -3.29 20.63
CA SER A 472 36.77 -1.84 20.58
C SER A 472 37.52 -1.34 19.33
N ARG A 473 38.44 -2.15 18.82
CA ARG A 473 39.23 -1.76 17.65
C ARG A 473 38.78 -2.33 16.32
N ILE A 474 38.43 -3.61 16.29
CA ILE A 474 37.99 -4.27 15.07
C ILE A 474 36.48 -4.05 14.89
N ARG A 475 36.12 -3.18 13.96
CA ARG A 475 34.72 -2.83 13.70
C ARG A 475 34.21 -3.24 12.31
N PHE A 476 32.89 -3.18 12.11
CA PHE A 476 32.27 -3.57 10.85
C PHE A 476 31.27 -2.60 10.27
N ALA A 477 31.31 -2.44 8.95
CA ALA A 477 30.39 -1.58 8.24
C ALA A 477 30.01 -2.29 6.93
N GLY A 478 28.99 -1.77 6.25
CA GLY A 478 28.52 -2.37 5.01
C GLY A 478 27.01 -2.58 5.05
N GLU A 479 26.38 -2.82 3.91
CA GLU A 479 24.94 -3.01 3.85
C GLU A 479 24.38 -4.10 4.76
N HIS A 480 25.22 -5.03 5.17
CA HIS A 480 24.80 -6.12 6.02
C HIS A 480 24.96 -5.80 7.50
N THR A 481 25.48 -4.61 7.81
CA THR A 481 25.71 -4.22 9.21
C THR A 481 24.79 -3.16 9.79
N ILE A 482 23.63 -2.93 9.17
CA ILE A 482 22.75 -1.89 9.67
C ILE A 482 21.30 -2.23 9.38
N MET A 483 20.40 -1.75 10.23
CA MET A 483 18.97 -2.01 10.04
C MET A 483 18.35 -1.10 9.00
N ASP A 484 18.32 0.21 9.22
CA ASP A 484 17.71 1.07 8.22
C ASP A 484 18.48 1.07 6.92
N GLY A 485 17.80 0.66 5.85
CA GLY A 485 18.42 0.62 4.54
C GLY A 485 19.27 -0.62 4.38
N ALA A 486 19.01 -1.62 5.20
CA ALA A 486 19.78 -2.85 5.13
C ALA A 486 19.75 -3.34 3.69
N GLY A 487 20.90 -3.80 3.20
CA GLY A 487 20.98 -4.28 1.83
C GLY A 487 20.93 -3.20 0.79
N CYS A 488 20.74 -1.96 1.21
CA CYS A 488 20.67 -0.85 0.27
C CYS A 488 21.98 -0.08 0.16
N ALA A 489 22.16 0.62 -0.95
CA ALA A 489 23.36 1.39 -1.12
C ALA A 489 23.45 2.44 0.01
N TYR A 490 22.34 3.08 0.33
CA TYR A 490 22.35 4.09 1.36
C TYR A 490 22.50 3.55 2.76
N GLY A 491 22.18 2.28 2.94
CA GLY A 491 22.31 1.68 4.25
C GLY A 491 23.79 1.44 4.48
N ALA A 492 24.44 0.83 3.49
CA ALA A 492 25.87 0.57 3.60
C ALA A 492 26.54 1.90 3.90
N TRP A 493 26.19 2.92 3.10
CA TRP A 493 26.71 4.28 3.25
C TRP A 493 26.60 4.80 4.70
N GLU A 494 25.42 4.63 5.30
CA GLU A 494 25.21 5.08 6.66
C GLU A 494 26.15 4.32 7.60
N SER A 495 26.23 3.01 7.41
CA SER A 495 27.09 2.18 8.25
C SER A 495 28.53 2.69 8.20
N GLY A 496 28.87 3.37 7.10
CA GLY A 496 30.21 3.92 6.96
C GLY A 496 30.32 5.10 7.91
N ARG A 497 29.39 6.05 7.77
CA ARG A 497 29.35 7.25 8.60
C ARG A 497 29.19 6.87 10.08
N ARG A 498 28.56 5.73 10.33
CA ARG A 498 28.36 5.28 11.70
C ARG A 498 29.72 4.99 12.34
N GLU A 499 30.44 4.00 11.81
CA GLU A 499 31.72 3.63 12.39
C GLU A 499 32.75 4.77 12.40
N ALA A 500 32.79 5.54 11.33
CA ALA A 500 33.74 6.65 11.25
C ALA A 500 33.53 7.63 12.39
N THR A 501 32.27 7.97 12.64
CA THR A 501 31.93 8.90 13.69
C THR A 501 32.40 8.40 15.05
N ARG A 502 32.06 7.16 15.36
CA ARG A 502 32.45 6.58 16.64
C ARG A 502 33.93 6.77 16.87
N ILE A 503 34.75 6.19 15.99
CA ILE A 503 36.19 6.29 16.10
C ILE A 503 36.60 7.74 16.26
N SER A 504 36.09 8.60 15.37
CA SER A 504 36.40 10.03 15.43
C SER A 504 36.29 10.49 16.88
N ASP A 505 35.13 10.26 17.46
CA ASP A 505 34.93 10.65 18.85
C ASP A 505 36.05 10.06 19.69
N LEU A 506 36.23 8.75 19.63
CA LEU A 506 37.27 8.10 20.40
C LEU A 506 38.64 8.76 20.20
N LEU A 507 39.00 9.01 18.95
CA LEU A 507 40.28 9.63 18.67
C LEU A 507 40.27 11.05 19.23
N LYS A 508 39.10 11.69 19.21
CA LYS A 508 39.00 13.05 19.74
C LYS A 508 39.34 13.07 21.23
N LEU A 509 38.96 12.02 21.94
CA LEU A 509 39.25 11.92 23.35
C LEU A 509 40.61 11.24 23.53
N LYS B 8 -40.80 -6.04 33.17
CA LYS B 8 -41.62 -7.05 32.41
C LYS B 8 -40.73 -7.72 31.37
N LYS B 9 -39.62 -7.06 31.03
CA LYS B 9 -38.70 -7.58 30.02
C LYS B 9 -37.25 -7.74 30.52
N LYS B 10 -36.50 -8.60 29.84
CA LYS B 10 -35.11 -8.87 30.20
C LYS B 10 -34.16 -7.75 29.77
N VAL B 11 -34.08 -7.54 28.47
CA VAL B 11 -33.24 -6.49 27.92
C VAL B 11 -33.96 -5.72 26.82
N ILE B 12 -33.82 -4.40 26.84
CA ILE B 12 -34.46 -3.57 25.83
C ILE B 12 -33.42 -2.97 24.89
N ILE B 13 -33.53 -3.33 23.62
CA ILE B 13 -32.62 -2.84 22.60
C ILE B 13 -33.26 -1.62 21.95
N ILE B 14 -32.52 -0.52 21.90
CA ILE B 14 -33.03 0.70 21.32
C ILE B 14 -32.42 0.93 19.94
N GLY B 15 -33.19 0.66 18.90
CA GLY B 15 -32.70 0.85 17.55
C GLY B 15 -32.73 -0.46 16.78
N ALA B 16 -33.29 -0.44 15.57
CA ALA B 16 -33.35 -1.66 14.78
C ALA B 16 -32.30 -1.69 13.69
N GLY B 17 -31.25 -0.86 13.84
CA GLY B 17 -30.16 -0.88 12.88
C GLY B 17 -29.51 -2.26 12.96
N ILE B 18 -28.43 -2.50 12.23
CA ILE B 18 -27.82 -3.82 12.30
C ILE B 18 -27.23 -4.11 13.67
N ALA B 19 -26.83 -3.07 14.40
CA ALA B 19 -26.30 -3.30 15.74
C ALA B 19 -27.42 -3.88 16.58
N GLY B 20 -28.51 -3.12 16.69
CA GLY B 20 -29.64 -3.56 17.47
C GLY B 20 -30.13 -4.93 17.05
N LEU B 21 -30.28 -5.13 15.74
CA LEU B 21 -30.75 -6.41 15.24
C LEU B 21 -29.83 -7.55 15.66
N LYS B 22 -28.53 -7.34 15.53
CA LYS B 22 -27.58 -8.37 15.91
C LYS B 22 -27.81 -8.75 17.38
N ALA B 23 -27.80 -7.75 18.25
CA ALA B 23 -28.01 -8.00 19.67
C ALA B 23 -29.25 -8.87 19.89
N ALA B 24 -30.36 -8.53 19.26
CA ALA B 24 -31.57 -9.33 19.41
C ALA B 24 -31.27 -10.74 18.93
N SER B 25 -30.77 -10.83 17.70
CA SER B 25 -30.45 -12.11 17.11
C SER B 25 -29.61 -12.97 18.05
N THR B 26 -28.69 -12.34 18.76
CA THR B 26 -27.82 -13.06 19.70
C THR B 26 -28.62 -13.55 20.90
N LEU B 27 -29.27 -12.64 21.59
CA LEU B 27 -30.04 -13.00 22.76
C LEU B 27 -30.85 -14.23 22.44
N HIS B 28 -31.73 -14.12 21.46
CA HIS B 28 -32.56 -15.25 21.09
C HIS B 28 -31.71 -16.51 20.88
N GLN B 29 -30.55 -16.34 20.23
CA GLN B 29 -29.67 -17.47 19.97
C GLN B 29 -29.14 -18.06 21.28
N ASN B 30 -29.39 -17.35 22.38
CA ASN B 30 -28.97 -17.80 23.70
C ASN B 30 -30.20 -18.13 24.53
N GLY B 31 -31.25 -18.58 23.85
CA GLY B 31 -32.48 -18.93 24.55
C GLY B 31 -33.13 -17.76 25.27
N ILE B 32 -32.32 -16.77 25.68
CA ILE B 32 -32.83 -15.58 26.36
C ILE B 32 -34.21 -15.23 25.81
N GLN B 33 -35.13 -14.87 26.69
CA GLN B 33 -36.47 -14.53 26.24
C GLN B 33 -36.90 -13.16 26.74
N ASP B 34 -38.11 -12.76 26.34
CA ASP B 34 -38.70 -11.48 26.74
C ASP B 34 -37.78 -10.28 26.58
N CYS B 35 -37.58 -9.87 25.33
CA CYS B 35 -36.75 -8.73 25.01
C CYS B 35 -37.45 -7.88 23.95
N LEU B 36 -37.06 -6.62 23.82
CA LEU B 36 -37.68 -5.74 22.85
C LEU B 36 -36.71 -4.88 22.08
N VAL B 37 -37.13 -4.52 20.87
CA VAL B 37 -36.35 -3.68 19.99
C VAL B 37 -37.23 -2.48 19.71
N LEU B 38 -36.84 -1.31 20.22
CA LEU B 38 -37.62 -0.09 20.01
C LEU B 38 -37.01 0.77 18.91
N GLU B 39 -37.69 0.85 17.78
CA GLU B 39 -37.21 1.66 16.65
C GLU B 39 -38.10 2.89 16.40
N ALA B 40 -37.47 4.05 16.27
CA ALA B 40 -38.19 5.29 16.04
C ALA B 40 -38.89 5.32 14.69
N ARG B 41 -38.27 4.68 13.70
CA ARG B 41 -38.79 4.63 12.36
C ARG B 41 -39.77 3.50 12.17
N ASP B 42 -40.44 3.48 11.02
CA ASP B 42 -41.41 2.43 10.73
C ASP B 42 -40.75 1.31 9.94
N ARG B 43 -39.45 1.13 10.15
CA ARG B 43 -38.69 0.11 9.45
C ARG B 43 -37.38 -0.18 10.18
N VAL B 44 -36.85 -1.38 9.99
CA VAL B 44 -35.59 -1.74 10.61
C VAL B 44 -34.51 -1.47 9.56
N GLY B 45 -33.25 -1.61 9.96
CA GLY B 45 -32.16 -1.39 9.03
C GLY B 45 -31.34 -0.15 9.38
N GLY B 46 -31.97 0.78 10.09
CA GLY B 46 -31.24 1.98 10.42
C GLY B 46 -30.59 2.57 9.19
N ARG B 47 -29.28 2.77 9.25
CA ARG B 47 -28.55 3.33 8.14
C ARG B 47 -28.29 2.33 7.02
N LEU B 48 -29.06 1.27 7.01
CA LEU B 48 -28.99 0.26 5.97
C LEU B 48 -30.38 0.29 5.38
N GLN B 49 -30.50 0.82 4.18
CA GLN B 49 -31.82 0.87 3.57
C GLN B 49 -31.63 0.68 2.09
N THR B 50 -32.37 -0.25 1.54
CA THR B 50 -32.32 -0.51 0.11
C THR B 50 -33.62 0.12 -0.40
N VAL B 51 -33.56 0.88 -1.49
CA VAL B 51 -34.77 1.47 -2.00
C VAL B 51 -35.00 0.95 -3.41
N THR B 52 -36.18 1.22 -3.97
CA THR B 52 -36.49 0.75 -5.33
C THR B 52 -36.75 1.93 -6.27
N GLY B 53 -36.09 1.91 -7.42
CA GLY B 53 -36.26 2.96 -8.40
C GLY B 53 -36.90 2.44 -9.68
N TYR B 54 -36.46 3.01 -10.80
CA TYR B 54 -36.95 2.66 -12.13
C TYR B 54 -36.94 1.17 -12.45
N GLN B 55 -38.07 0.67 -12.93
CA GLN B 55 -38.19 -0.74 -13.30
C GLN B 55 -37.88 -1.72 -12.16
N GLY B 56 -37.93 -1.24 -10.93
CA GLY B 56 -37.65 -2.13 -9.82
C GLY B 56 -36.17 -2.33 -9.50
N ARG B 57 -35.31 -1.44 -10.00
CA ARG B 57 -33.89 -1.57 -9.69
C ARG B 57 -33.80 -1.28 -8.21
N LYS B 58 -32.95 -2.02 -7.52
CA LYS B 58 -32.77 -1.81 -6.09
C LYS B 58 -31.44 -1.13 -5.81
N TYR B 59 -31.39 -0.33 -4.75
CA TYR B 59 -30.16 0.35 -4.38
C TYR B 59 -30.07 0.56 -2.90
N ASP B 60 -28.86 0.41 -2.37
CA ASP B 60 -28.67 0.64 -0.95
C ASP B 60 -28.38 2.14 -0.88
N ILE B 61 -29.31 2.89 -0.32
CA ILE B 61 -29.16 4.33 -0.24
C ILE B 61 -28.20 4.67 0.88
N GLY B 62 -28.01 3.73 1.81
CA GLY B 62 -27.08 3.93 2.90
C GLY B 62 -25.84 3.10 2.63
N ALA B 63 -25.48 2.23 3.57
CA ALA B 63 -24.33 1.36 3.40
C ALA B 63 -24.52 0.42 2.22
N SER B 64 -23.43 0.10 1.54
CA SER B 64 -23.52 -0.80 0.39
C SER B 64 -22.31 -1.70 0.21
N TRP B 65 -21.33 -1.57 1.08
CA TRP B 65 -20.15 -2.42 0.96
C TRP B 65 -19.77 -3.17 2.22
N HIS B 66 -19.11 -4.32 2.01
CA HIS B 66 -18.54 -5.12 3.07
C HIS B 66 -17.09 -4.64 2.97
N HIS B 67 -16.59 -3.93 3.96
CA HIS B 67 -15.19 -3.50 3.87
C HIS B 67 -14.35 -4.57 4.59
N ASP B 68 -13.05 -4.54 4.35
CA ASP B 68 -12.11 -5.47 4.97
C ASP B 68 -12.56 -6.93 4.90
N THR B 69 -12.93 -7.38 3.70
CA THR B 69 -13.42 -8.75 3.50
C THR B 69 -12.43 -9.81 4.00
N LEU B 70 -11.17 -9.43 4.19
CA LEU B 70 -10.20 -10.37 4.70
C LEU B 70 -10.52 -10.78 6.14
N THR B 71 -11.01 -9.85 6.96
CA THR B 71 -11.30 -10.13 8.36
C THR B 71 -12.75 -9.90 8.74
N ASN B 72 -13.44 -9.06 7.99
CA ASN B 72 -14.85 -8.73 8.23
C ASN B 72 -15.64 -10.02 8.50
N PRO B 73 -15.99 -10.27 9.78
CA PRO B 73 -16.73 -11.44 10.25
C PRO B 73 -18.19 -11.52 9.80
N LEU B 74 -18.77 -10.38 9.46
CA LEU B 74 -20.15 -10.35 8.98
C LEU B 74 -20.08 -10.83 7.54
N PHE B 75 -19.09 -10.33 6.80
CA PHE B 75 -18.89 -10.73 5.42
C PHE B 75 -18.62 -12.23 5.32
N LEU B 76 -17.78 -12.75 6.22
CA LEU B 76 -17.44 -14.17 6.22
C LEU B 76 -18.69 -15.02 6.42
N GLU B 77 -19.55 -14.61 7.33
CA GLU B 77 -20.80 -15.33 7.56
C GLU B 77 -21.63 -15.34 6.28
N GLU B 78 -21.74 -14.20 5.61
CA GLU B 78 -22.49 -14.12 4.36
C GLU B 78 -21.85 -15.05 3.34
N ALA B 79 -20.53 -15.07 3.33
CA ALA B 79 -19.76 -15.90 2.41
C ALA B 79 -20.07 -17.37 2.60
N GLN B 80 -20.15 -17.79 3.85
CA GLN B 80 -20.46 -19.17 4.14
C GLN B 80 -21.87 -19.49 3.63
N LEU B 81 -22.83 -18.63 3.94
CA LEU B 81 -24.20 -18.84 3.50
C LEU B 81 -24.23 -19.05 1.99
N SER B 82 -23.39 -18.31 1.27
CA SER B 82 -23.37 -18.40 -0.18
C SER B 82 -22.67 -19.65 -0.68
N LEU B 83 -21.71 -20.11 0.09
CA LEU B 83 -20.96 -21.30 -0.26
C LEU B 83 -21.95 -22.46 -0.08
N ASN B 84 -22.84 -22.30 0.88
CA ASN B 84 -23.86 -23.30 1.23
C ASN B 84 -25.07 -23.38 0.28
N ASP B 85 -25.64 -22.24 -0.09
CA ASP B 85 -26.82 -22.26 -0.98
C ASP B 85 -26.65 -21.73 -2.39
N GLY B 86 -25.44 -21.30 -2.72
CA GLY B 86 -25.19 -20.79 -4.06
C GLY B 86 -25.78 -19.42 -4.36
N ARG B 87 -26.57 -18.86 -3.45
CA ARG B 87 -27.17 -17.54 -3.65
C ARG B 87 -26.10 -16.47 -3.70
N THR B 88 -26.19 -15.58 -4.68
CA THR B 88 -25.22 -14.50 -4.78
C THR B 88 -25.65 -13.40 -3.82
N ARG B 89 -24.78 -13.08 -2.86
CA ARG B 89 -25.07 -12.07 -1.86
C ARG B 89 -24.25 -10.81 -2.03
N PHE B 90 -23.21 -10.90 -2.82
CA PHE B 90 -22.31 -9.78 -3.00
C PHE B 90 -21.47 -10.02 -4.22
N VAL B 91 -20.85 -8.96 -4.70
CA VAL B 91 -19.98 -9.05 -5.86
C VAL B 91 -18.74 -8.23 -5.53
N PHE B 92 -17.58 -8.72 -5.92
CA PHE B 92 -16.33 -8.02 -5.68
C PHE B 92 -16.13 -6.98 -6.78
N ASP B 93 -16.47 -5.73 -6.47
CA ASP B 93 -16.40 -4.67 -7.46
C ASP B 93 -15.21 -3.74 -7.47
N ASP B 94 -14.19 -3.98 -6.66
CA ASP B 94 -13.05 -3.08 -6.70
C ASP B 94 -12.66 -3.09 -8.17
N ASP B 95 -12.15 -1.98 -8.66
CA ASP B 95 -11.78 -1.89 -10.06
C ASP B 95 -10.69 -0.86 -10.16
N ASN B 96 -10.13 -0.66 -11.35
CA ASN B 96 -9.10 0.34 -11.51
C ASN B 96 -9.88 1.63 -11.63
N PHE B 97 -9.61 2.57 -10.74
CA PHE B 97 -10.31 3.84 -10.75
C PHE B 97 -10.00 4.69 -11.96
N ILE B 98 -11.03 5.36 -12.47
CA ILE B 98 -10.88 6.28 -13.59
C ILE B 98 -11.04 7.68 -12.98
N TYR B 99 -10.09 8.59 -13.26
CA TYR B 99 -10.18 9.94 -12.71
C TYR B 99 -10.43 10.93 -13.84
N ILE B 100 -11.35 11.86 -13.62
CA ILE B 100 -11.69 12.81 -14.66
C ILE B 100 -11.63 14.26 -14.21
N ASP B 101 -10.98 15.08 -15.02
CA ASP B 101 -10.88 16.51 -14.75
C ASP B 101 -11.62 17.18 -15.88
N GLU B 102 -12.43 18.17 -15.55
CA GLU B 102 -13.22 18.87 -16.56
C GLU B 102 -12.41 19.21 -17.83
N GLU B 103 -11.25 19.83 -17.63
CA GLU B 103 -10.40 20.21 -18.75
C GLU B 103 -9.77 19.04 -19.49
N ARG B 104 -8.74 18.45 -18.87
CA ARG B 104 -8.02 17.37 -19.51
C ARG B 104 -8.81 16.10 -19.79
N GLY B 105 -9.79 15.81 -18.94
CA GLY B 105 -10.56 14.58 -19.11
C GLY B 105 -9.92 13.52 -18.22
N ARG B 106 -9.64 12.34 -18.76
CA ARG B 106 -9.04 11.29 -17.95
C ARG B 106 -7.59 11.58 -17.53
N VAL B 107 -7.30 11.32 -16.26
CA VAL B 107 -5.96 11.54 -15.74
C VAL B 107 -5.49 10.32 -14.95
N ASP B 108 -6.16 9.19 -15.16
CA ASP B 108 -5.83 7.96 -14.48
C ASP B 108 -4.89 7.09 -15.30
N HIS B 109 -4.02 6.35 -14.62
CA HIS B 109 -3.08 5.44 -15.31
C HIS B 109 -2.35 6.19 -16.43
N ASP B 110 -1.98 7.43 -16.16
CA ASP B 110 -1.32 8.29 -17.14
C ASP B 110 0.19 8.08 -17.33
N LYS B 111 0.60 7.91 -18.58
CA LYS B 111 2.01 7.69 -18.90
C LYS B 111 2.97 8.76 -18.33
N GLU B 112 2.56 10.02 -18.37
CA GLU B 112 3.43 11.07 -17.87
C GLU B 112 2.98 11.71 -16.56
N LEU B 113 1.70 11.55 -16.22
CA LEU B 113 1.16 12.12 -14.99
C LEU B 113 1.42 11.19 -13.79
N LEU B 114 1.37 9.88 -14.04
CA LEU B 114 1.60 8.88 -13.02
C LEU B 114 1.11 9.35 -11.65
N LEU B 115 -0.16 9.75 -11.59
CA LEU B 115 -0.74 10.27 -10.37
C LEU B 115 -0.88 9.27 -9.21
N GLU B 116 -1.25 8.04 -9.54
CA GLU B 116 -1.42 7.01 -8.52
C GLU B 116 -0.12 6.73 -7.76
N ILE B 117 1.00 6.78 -8.47
CA ILE B 117 2.30 6.53 -7.87
C ILE B 117 2.67 7.64 -6.89
N VAL B 118 2.49 8.89 -7.30
CA VAL B 118 2.79 9.97 -6.38
C VAL B 118 1.80 9.88 -5.24
N ASP B 119 0.56 9.48 -5.53
CA ASP B 119 -0.44 9.35 -4.46
C ASP B 119 0.05 8.31 -3.42
N ASN B 120 0.77 7.28 -3.86
CA ASN B 120 1.30 6.31 -2.92
C ASN B 120 2.31 7.04 -2.04
N GLU B 121 3.25 7.74 -2.66
CA GLU B 121 4.27 8.45 -1.90
C GLU B 121 3.60 9.37 -0.90
N MET B 122 2.57 10.07 -1.36
CA MET B 122 1.82 10.96 -0.51
C MET B 122 1.35 10.18 0.70
N SER B 123 0.87 8.96 0.47
CA SER B 123 0.38 8.12 1.56
C SER B 123 1.51 7.79 2.54
N LYS B 124 2.61 7.24 2.03
CA LYS B 124 3.76 6.90 2.89
C LYS B 124 4.19 8.12 3.69
N PHE B 125 4.15 9.28 3.04
CA PHE B 125 4.52 10.55 3.66
C PHE B 125 3.67 10.77 4.91
N ALA B 126 2.36 10.58 4.78
CA ALA B 126 1.43 10.77 5.90
C ALA B 126 1.66 9.74 6.99
N GLU B 127 1.98 8.51 6.62
CA GLU B 127 2.23 7.47 7.61
C GLU B 127 3.40 7.94 8.47
N LEU B 128 4.45 8.38 7.79
CA LEU B 128 5.67 8.88 8.42
C LEU B 128 5.42 10.13 9.24
N GLU B 129 4.79 11.13 8.63
CA GLU B 129 4.50 12.38 9.30
C GLU B 129 4.03 12.15 10.74
N PHE B 130 3.23 11.10 10.94
CA PHE B 130 2.75 10.77 12.28
C PHE B 130 3.59 9.62 12.81
N HIS B 131 2.99 8.43 12.85
CA HIS B 131 3.73 7.25 13.32
C HIS B 131 4.20 7.44 14.77
N SER B 137 0.65 16.81 15.98
CA SER B 137 -0.43 17.58 16.61
C SER B 137 -1.73 17.40 15.84
N ASP B 138 -1.60 17.05 14.58
CA ASP B 138 -2.75 16.82 13.69
C ASP B 138 -3.30 18.09 13.05
N CYS B 139 -3.37 18.05 11.73
CA CYS B 139 -3.87 19.13 10.90
C CYS B 139 -5.02 18.62 10.05
N SER B 140 -5.31 19.31 8.95
CA SER B 140 -6.39 18.89 8.06
C SER B 140 -5.75 18.11 6.93
N PHE B 141 -6.49 17.14 6.37
CA PHE B 141 -5.95 16.36 5.26
C PHE B 141 -5.42 17.37 4.25
N PHE B 142 -6.16 18.47 4.07
CA PHE B 142 -5.73 19.51 3.15
C PHE B 142 -4.33 20.03 3.49
N GLN B 143 -4.14 20.47 4.72
CA GLN B 143 -2.84 20.99 5.16
C GLN B 143 -1.74 19.96 4.93
N LEU B 144 -2.00 18.71 5.30
CA LEU B 144 -1.03 17.64 5.13
C LEU B 144 -0.64 17.47 3.66
N VAL B 145 -1.62 17.47 2.77
CA VAL B 145 -1.35 17.32 1.35
C VAL B 145 -0.45 18.48 0.92
N MET B 146 -0.74 19.66 1.46
CA MET B 146 0.04 20.84 1.11
C MET B 146 1.47 20.76 1.62
N LYS B 147 1.65 20.26 2.83
CA LYS B 147 2.98 20.12 3.39
C LYS B 147 3.79 19.23 2.47
N TYR B 148 3.20 18.12 2.06
CA TYR B 148 3.85 17.15 1.18
C TYR B 148 4.27 17.81 -0.11
N LEU B 149 3.33 18.49 -0.74
CA LEU B 149 3.58 19.18 -2.02
C LEU B 149 4.75 20.13 -1.90
N LEU B 150 4.79 20.84 -0.79
CA LEU B 150 5.85 21.78 -0.55
C LEU B 150 7.14 21.02 -0.31
N GLN B 151 7.09 20.07 0.63
CA GLN B 151 8.24 19.26 0.99
C GLN B 151 8.80 18.36 -0.11
N ARG B 152 8.01 18.13 -1.17
CA ARG B 152 8.46 17.26 -2.26
C ARG B 152 8.38 17.91 -3.63
N ARG B 153 8.06 19.19 -3.69
CA ARG B 153 7.95 19.88 -4.96
C ARG B 153 9.18 19.66 -5.83
N GLN B 154 10.36 19.63 -5.22
CA GLN B 154 11.58 19.43 -5.99
C GLN B 154 11.49 18.18 -6.84
N PHE B 155 10.70 17.21 -6.38
CA PHE B 155 10.55 15.94 -7.07
C PHE B 155 9.19 15.69 -7.70
N LEU B 156 8.42 16.75 -7.89
CA LEU B 156 7.10 16.64 -8.50
C LEU B 156 7.01 17.58 -9.68
N THR B 157 6.43 17.11 -10.78
CA THR B 157 6.27 17.94 -11.95
C THR B 157 5.15 18.93 -11.68
N ASN B 158 4.98 19.89 -12.59
CA ASN B 158 3.93 20.91 -12.44
C ASN B 158 2.54 20.29 -12.52
N ASP B 159 2.34 19.36 -13.45
CA ASP B 159 1.06 18.69 -13.58
C ASP B 159 0.70 17.79 -12.37
N GLN B 160 1.71 17.18 -11.77
CA GLN B 160 1.46 16.33 -10.62
C GLN B 160 1.00 17.22 -9.49
N ILE B 161 1.73 18.30 -9.25
CA ILE B 161 1.37 19.22 -8.17
C ILE B 161 -0.02 19.78 -8.40
N ARG B 162 -0.44 19.84 -9.66
CA ARG B 162 -1.75 20.39 -9.96
C ARG B 162 -2.86 19.42 -9.60
N TYR B 163 -2.86 18.28 -10.26
CA TYR B 163 -3.89 17.29 -10.05
C TYR B 163 -3.75 16.33 -8.87
N LEU B 164 -2.53 16.02 -8.45
CA LEU B 164 -2.40 15.08 -7.34
C LEU B 164 -3.30 15.43 -6.16
N PRO B 165 -3.20 16.67 -5.66
CA PRO B 165 -4.07 17.00 -4.52
C PRO B 165 -5.56 16.79 -4.80
N GLN B 166 -5.98 17.00 -6.04
CA GLN B 166 -7.38 16.80 -6.39
C GLN B 166 -7.71 15.32 -6.36
N LEU B 167 -6.96 14.51 -7.10
CA LEU B 167 -7.19 13.07 -7.12
C LEU B 167 -7.19 12.46 -5.74
N CYS B 168 -6.25 12.87 -4.89
CA CYS B 168 -6.16 12.29 -3.56
C CYS B 168 -7.38 12.56 -2.68
N ARG B 169 -8.24 13.47 -3.12
CA ARG B 169 -9.40 13.79 -2.32
C ARG B 169 -10.51 12.75 -2.36
N TYR B 170 -10.34 11.72 -3.19
CA TYR B 170 -11.32 10.64 -3.25
C TYR B 170 -11.52 10.16 -1.81
N LEU B 171 -10.52 10.38 -0.97
CA LEU B 171 -10.59 10.00 0.44
C LEU B 171 -11.70 10.76 1.16
N GLU B 172 -12.17 11.84 0.56
CA GLU B 172 -13.25 12.60 1.17
C GLU B 172 -14.48 11.72 1.11
N LEU B 173 -14.54 10.86 0.11
CA LEU B 173 -15.68 9.98 0.00
C LEU B 173 -15.62 8.80 0.98
N TRP B 174 -14.44 8.47 1.49
CA TRP B 174 -14.35 7.38 2.47
C TRP B 174 -14.87 7.90 3.82
N HIS B 175 -14.71 9.20 4.06
CA HIS B 175 -15.16 9.79 5.32
C HIS B 175 -16.44 10.60 5.14
N GLY B 176 -16.62 11.15 3.94
CA GLY B 176 -17.80 11.95 3.67
C GLY B 176 -17.59 13.30 4.35
N LEU B 177 -16.36 13.78 4.23
CA LEU B 177 -15.98 15.04 4.84
C LEU B 177 -14.95 15.68 3.91
N ASP B 178 -15.10 16.98 3.65
CA ASP B 178 -14.16 17.69 2.80
C ASP B 178 -12.78 17.73 3.48
N TRP B 179 -11.72 17.84 2.69
CA TRP B 179 -10.36 17.82 3.24
C TRP B 179 -9.98 18.91 4.23
N LYS B 180 -10.75 19.98 4.30
CA LYS B 180 -10.45 21.03 5.26
C LYS B 180 -11.24 20.75 6.54
N LEU B 181 -12.15 19.80 6.48
CA LEU B 181 -12.91 19.43 7.67
C LEU B 181 -12.36 18.14 8.24
N LEU B 182 -11.67 17.37 7.38
CA LEU B 182 -11.14 16.07 7.76
C LEU B 182 -9.83 16.04 8.53
N SER B 183 -9.76 15.11 9.48
CA SER B 183 -8.56 14.90 10.30
C SER B 183 -7.55 14.12 9.47
N ALA B 184 -6.35 14.68 9.30
CA ALA B 184 -5.31 14.04 8.53
C ALA B 184 -4.80 12.79 9.27
N LYS B 185 -4.81 12.88 10.59
CA LYS B 185 -4.35 11.78 11.43
C LYS B 185 -5.21 10.53 11.27
N ASP B 186 -6.42 10.70 10.75
CA ASP B 186 -7.31 9.57 10.58
C ASP B 186 -7.67 9.37 9.10
N THR B 187 -7.25 10.30 8.25
CA THR B 187 -7.52 10.23 6.84
C THR B 187 -7.09 8.90 6.23
N TYR B 188 -5.80 8.60 6.31
CA TYR B 188 -5.32 7.34 5.77
C TYR B 188 -5.58 6.21 6.77
N PHE B 189 -6.06 5.08 6.25
CA PHE B 189 -6.32 3.92 7.08
C PHE B 189 -6.45 2.71 6.16
N GLY B 190 -5.38 1.94 6.05
CA GLY B 190 -5.40 0.78 5.18
C GLY B 190 -6.57 -0.14 5.43
N HIS B 191 -7.21 -0.60 4.35
CA HIS B 191 -8.34 -1.50 4.48
C HIS B 191 -7.87 -2.94 4.44
N GLN B 192 -8.45 -3.77 5.28
CA GLN B 192 -8.08 -5.17 5.36
C GLN B 192 -8.52 -6.01 4.14
N GLY B 193 -8.09 -5.62 2.94
CA GLY B 193 -8.47 -6.37 1.75
C GLY B 193 -9.52 -5.73 0.87
N ARG B 194 -9.88 -6.39 -0.23
CA ARG B 194 -10.88 -5.86 -1.16
C ARG B 194 -12.23 -5.58 -0.51
N ASN B 195 -13.10 -4.95 -1.27
CA ASN B 195 -14.43 -4.64 -0.81
C ASN B 195 -15.40 -5.46 -1.63
N ALA B 196 -16.51 -5.84 -1.03
CA ALA B 196 -17.53 -6.60 -1.72
C ALA B 196 -18.82 -5.78 -1.70
N PHE B 197 -19.38 -5.54 -2.88
CA PHE B 197 -20.62 -4.78 -2.99
C PHE B 197 -21.76 -5.71 -2.59
N ALA B 198 -22.51 -5.36 -1.56
CA ALA B 198 -23.61 -6.21 -1.14
C ALA B 198 -24.74 -6.14 -2.14
N LEU B 199 -25.12 -7.29 -2.69
CA LEU B 199 -26.22 -7.30 -3.63
C LEU B 199 -27.44 -7.59 -2.80
N ASN B 200 -27.74 -6.60 -1.96
CA ASN B 200 -28.86 -6.63 -1.06
C ASN B 200 -28.39 -6.57 0.37
N TYR B 201 -28.11 -5.37 0.89
CA TYR B 201 -27.74 -5.29 2.30
C TYR B 201 -29.04 -5.60 3.02
N ASP B 202 -30.14 -5.36 2.33
CA ASP B 202 -31.45 -5.62 2.91
C ASP B 202 -31.63 -7.11 3.23
N SER B 203 -30.86 -7.97 2.57
CA SER B 203 -30.94 -9.39 2.86
C SER B 203 -30.30 -9.58 4.22
N VAL B 204 -29.18 -8.91 4.44
CA VAL B 204 -28.50 -9.02 5.71
C VAL B 204 -29.45 -8.58 6.80
N VAL B 205 -30.04 -7.40 6.62
CA VAL B 205 -30.96 -6.90 7.62
C VAL B 205 -32.12 -7.87 7.80
N GLN B 206 -32.75 -8.27 6.71
CA GLN B 206 -33.87 -9.21 6.79
C GLN B 206 -33.48 -10.53 7.45
N ARG B 207 -32.34 -11.10 7.06
CA ARG B 207 -31.90 -12.36 7.65
C ARG B 207 -31.74 -12.23 9.18
N ILE B 208 -31.05 -11.18 9.62
CA ILE B 208 -30.86 -11.00 11.04
C ILE B 208 -32.19 -10.68 11.72
N ALA B 209 -32.93 -9.75 11.13
CA ALA B 209 -34.21 -9.34 11.70
C ALA B 209 -35.17 -10.52 11.94
N GLN B 210 -35.14 -11.53 11.07
CA GLN B 210 -36.03 -12.66 11.25
C GLN B 210 -35.35 -13.87 11.86
N SER B 211 -34.43 -13.62 12.78
CA SER B 211 -33.70 -14.69 13.45
C SER B 211 -34.05 -14.66 14.93
N PHE B 212 -35.09 -13.92 15.26
CA PHE B 212 -35.58 -13.80 16.63
C PHE B 212 -37.09 -13.56 16.55
N PRO B 213 -37.81 -13.70 17.67
CA PRO B 213 -39.26 -13.49 17.66
C PRO B 213 -39.70 -12.12 17.12
N GLN B 214 -40.53 -12.13 16.08
CA GLN B 214 -41.03 -10.92 15.44
C GLN B 214 -41.83 -9.98 16.36
N ASN B 215 -42.24 -10.50 17.52
CA ASN B 215 -43.03 -9.71 18.48
C ASN B 215 -42.18 -8.89 19.44
N TRP B 216 -40.88 -8.91 19.23
CA TRP B 216 -39.94 -8.16 20.04
C TRP B 216 -39.84 -6.76 19.45
N LEU B 217 -39.97 -6.71 18.13
CA LEU B 217 -39.87 -5.47 17.39
C LEU B 217 -41.09 -4.57 17.56
N LYS B 218 -40.83 -3.31 17.87
CA LYS B 218 -41.85 -2.32 18.05
C LYS B 218 -41.40 -1.09 17.26
N LEU B 219 -42.00 -0.89 16.09
CA LEU B 219 -41.63 0.23 15.23
C LEU B 219 -42.35 1.53 15.57
N SER B 220 -41.85 2.64 15.03
CA SER B 220 -42.42 3.96 15.28
C SER B 220 -42.42 4.28 16.76
N CYS B 221 -41.49 3.68 17.50
CA CYS B 221 -41.37 3.91 18.94
C CYS B 221 -40.16 4.78 19.23
N GLU B 222 -40.34 6.10 19.29
CA GLU B 222 -39.21 6.98 19.59
C GLU B 222 -39.01 7.02 21.09
N VAL B 223 -37.91 6.45 21.58
CA VAL B 223 -37.63 6.47 23.01
C VAL B 223 -37.22 7.88 23.38
N LYS B 224 -37.85 8.43 24.41
CA LYS B 224 -37.53 9.80 24.82
C LYS B 224 -36.65 9.89 26.07
N SER B 225 -36.66 8.84 26.89
CA SER B 225 -35.85 8.87 28.11
C SER B 225 -35.58 7.49 28.73
N ILE B 226 -34.36 7.33 29.24
CA ILE B 226 -33.94 6.09 29.89
C ILE B 226 -33.58 6.42 31.33
N THR B 227 -34.40 5.94 32.26
CA THR B 227 -34.20 6.18 33.68
C THR B 227 -33.65 4.97 34.42
N ARG B 228 -32.67 5.21 35.29
CA ARG B 228 -32.05 4.15 36.07
C ARG B 228 -32.71 4.01 37.44
N GLU B 229 -33.18 2.81 37.74
CA GLU B 229 -33.78 2.52 39.04
C GLU B 229 -32.80 1.62 39.78
N PRO B 230 -31.94 2.22 40.64
CA PRO B 230 -30.92 1.49 41.42
C PRO B 230 -31.35 0.08 41.84
N SER B 231 -32.65 -0.13 41.91
CA SER B 231 -33.22 -1.41 42.29
C SER B 231 -33.05 -2.49 41.20
N LYS B 232 -32.00 -2.36 40.40
CA LYS B 232 -31.73 -3.31 39.33
C LYS B 232 -32.90 -3.36 38.32
N ASN B 233 -33.32 -2.19 37.88
CA ASN B 233 -34.41 -2.08 36.92
C ASN B 233 -34.20 -0.84 36.05
N VAL B 234 -34.65 -0.92 34.80
CA VAL B 234 -34.50 0.20 33.87
C VAL B 234 -35.84 0.57 33.24
N THR B 235 -36.14 1.87 33.28
CA THR B 235 -37.39 2.38 32.73
C THR B 235 -37.24 3.04 31.36
N VAL B 236 -37.65 2.32 30.33
CA VAL B 236 -37.58 2.83 28.97
C VAL B 236 -38.99 3.29 28.65
N ASN B 237 -39.11 4.32 27.83
CA ASN B 237 -40.42 4.84 27.48
C ASN B 237 -40.44 5.66 26.19
N CYS B 238 -41.10 5.13 25.17
CA CYS B 238 -41.21 5.83 23.89
C CYS B 238 -42.01 7.10 24.19
N GLU B 239 -41.79 8.15 23.41
CA GLU B 239 -42.50 9.41 23.65
C GLU B 239 -43.99 9.35 23.42
N ASP B 240 -44.52 8.16 23.19
CA ASP B 240 -45.94 8.01 22.97
C ASP B 240 -46.62 7.58 24.27
N GLY B 241 -45.88 7.67 25.37
CA GLY B 241 -46.42 7.30 26.66
C GLY B 241 -46.07 5.90 27.16
N THR B 242 -46.13 4.91 26.29
CA THR B 242 -45.83 3.52 26.66
C THR B 242 -44.48 3.40 27.35
N VAL B 243 -44.49 2.87 28.58
CA VAL B 243 -43.27 2.70 29.36
C VAL B 243 -42.89 1.22 29.56
N TYR B 244 -41.59 0.94 29.45
CA TYR B 244 -41.08 -0.41 29.62
C TYR B 244 -40.00 -0.48 30.70
N ASN B 245 -39.83 -1.67 31.25
CA ASN B 245 -38.82 -1.92 32.29
C ASN B 245 -38.15 -3.27 32.06
N ALA B 246 -36.84 -3.25 31.84
CA ALA B 246 -36.10 -4.49 31.62
C ALA B 246 -34.84 -4.53 32.45
N ASP B 247 -34.26 -5.73 32.57
CA ASP B 247 -33.05 -5.91 33.35
C ASP B 247 -31.92 -5.06 32.76
N TYR B 248 -31.57 -5.32 31.50
CA TYR B 248 -30.51 -4.58 30.82
C TYR B 248 -31.00 -3.78 29.62
N VAL B 249 -30.24 -2.74 29.29
CA VAL B 249 -30.57 -1.85 28.19
C VAL B 249 -29.41 -1.57 27.23
N ILE B 250 -29.57 -2.01 25.98
CA ILE B 250 -28.56 -1.79 24.94
C ILE B 250 -29.00 -0.64 24.02
N ILE B 251 -28.31 0.49 24.12
CA ILE B 251 -28.61 1.68 23.32
C ILE B 251 -27.80 1.71 22.00
N THR B 252 -28.48 1.51 20.88
CA THR B 252 -27.76 1.49 19.61
C THR B 252 -27.98 2.69 18.71
N VAL B 253 -28.66 3.72 19.18
CA VAL B 253 -28.91 4.88 18.31
C VAL B 253 -27.57 5.50 17.90
N PRO B 254 -27.55 6.25 16.79
CA PRO B 254 -26.33 6.88 16.29
C PRO B 254 -25.72 7.82 17.28
N GLN B 255 -24.41 7.97 17.17
CA GLN B 255 -23.61 8.85 18.02
C GLN B 255 -24.17 10.28 17.92
N SER B 256 -24.56 10.67 16.72
CA SER B 256 -25.13 11.99 16.47
C SER B 256 -26.44 12.19 17.24
N VAL B 257 -27.18 11.11 17.45
CA VAL B 257 -28.44 11.21 18.17
C VAL B 257 -28.13 11.18 19.65
N LEU B 258 -27.29 10.24 20.06
CA LEU B 258 -26.89 10.11 21.45
C LEU B 258 -26.30 11.44 21.90
N ASN B 259 -25.51 12.04 21.02
CA ASN B 259 -24.87 13.32 21.30
C ASN B 259 -25.87 14.44 21.60
N LEU B 260 -27.15 14.11 21.65
CA LEU B 260 -28.13 15.15 21.94
C LEU B 260 -28.49 15.15 23.41
N SER B 261 -28.18 14.06 24.08
CA SER B 261 -28.47 13.92 25.51
C SER B 261 -27.60 14.82 26.38
N VAL B 262 -26.91 15.78 25.76
CA VAL B 262 -26.04 16.67 26.52
C VAL B 262 -26.29 18.16 26.25
N GLN B 263 -27.30 18.46 25.43
CA GLN B 263 -27.64 19.84 25.10
C GLN B 263 -28.88 20.29 25.87
N PRO B 264 -29.17 21.61 25.86
CA PRO B 264 -30.33 22.13 26.57
C PRO B 264 -31.66 21.70 25.92
N ASN B 267 -35.29 18.21 23.89
CA ASN B 267 -36.54 18.33 23.15
C ASN B 267 -36.40 17.98 21.67
N LEU B 268 -35.20 18.16 21.12
CA LEU B 268 -34.97 17.83 19.72
C LEU B 268 -35.42 16.38 19.51
N ARG B 269 -35.87 16.07 18.29
CA ARG B 269 -36.35 14.72 17.99
C ARG B 269 -35.27 13.65 17.93
N GLY B 270 -35.60 12.48 18.47
CA GLY B 270 -34.67 11.37 18.49
C GLY B 270 -33.93 11.33 19.81
N ARG B 271 -33.74 12.51 20.39
CA ARG B 271 -33.03 12.66 21.65
C ARG B 271 -33.59 11.81 22.80
N ILE B 272 -32.68 11.23 23.57
CA ILE B 272 -33.07 10.40 24.71
C ILE B 272 -32.56 11.06 25.98
N GLU B 273 -33.48 11.39 26.88
CA GLU B 273 -33.10 12.02 28.13
C GLU B 273 -32.65 10.93 29.09
N PHE B 274 -31.37 10.98 29.48
CA PHE B 274 -30.81 9.99 30.39
C PHE B 274 -30.98 10.38 31.84
N GLN B 275 -31.44 9.42 32.63
CA GLN B 275 -31.68 9.62 34.06
C GLN B 275 -31.10 8.45 34.85
N PRO B 276 -29.99 8.68 35.56
CA PRO B 276 -29.21 9.92 35.70
C PRO B 276 -28.42 10.27 34.44
N PRO B 277 -27.95 11.54 34.34
CA PRO B 277 -27.17 11.98 33.18
C PRO B 277 -26.06 11.01 32.79
N LEU B 278 -25.60 11.10 31.54
CA LEU B 278 -24.54 10.24 31.03
C LEU B 278 -23.23 10.58 31.73
N LYS B 279 -22.56 9.57 32.28
CA LYS B 279 -21.29 9.80 32.98
C LYS B 279 -20.36 10.63 32.11
N PRO B 280 -19.70 11.63 32.72
CA PRO B 280 -18.76 12.57 32.10
C PRO B 280 -17.83 12.01 31.03
N VAL B 281 -17.13 10.93 31.35
CA VAL B 281 -16.20 10.33 30.40
C VAL B 281 -16.86 10.28 29.01
N ILE B 282 -18.13 9.90 28.99
CA ILE B 282 -18.89 9.83 27.75
C ILE B 282 -19.09 11.25 27.22
N GLN B 283 -19.63 12.12 28.08
CA GLN B 283 -19.89 13.51 27.69
C GLN B 283 -18.68 14.22 27.11
N ASP B 284 -17.49 13.86 27.57
CA ASP B 284 -16.26 14.47 27.08
C ASP B 284 -15.99 13.96 25.68
N ALA B 285 -16.11 12.65 25.52
CA ALA B 285 -15.89 11.99 24.24
C ALA B 285 -16.49 12.74 23.06
N PHE B 286 -17.71 13.23 23.23
CA PHE B 286 -18.39 13.96 22.16
C PHE B 286 -17.62 15.18 21.70
N ASP B 287 -16.53 15.48 22.38
CA ASP B 287 -15.70 16.61 22.01
C ASP B 287 -14.52 16.09 21.18
N LYS B 288 -14.14 14.85 21.45
CA LYS B 288 -13.02 14.22 20.75
C LYS B 288 -13.44 13.34 19.57
N ILE B 289 -14.73 13.33 19.24
CA ILE B 289 -15.24 12.53 18.12
C ILE B 289 -16.49 13.12 17.46
N HIS B 290 -16.45 13.29 16.13
CA HIS B 290 -17.58 13.86 15.40
C HIS B 290 -18.19 12.86 14.40
N PHE B 291 -19.18 13.32 13.65
CA PHE B 291 -19.87 12.50 12.66
C PHE B 291 -19.65 13.10 11.27
N GLY B 292 -19.75 12.27 10.23
CA GLY B 292 -19.55 12.76 8.88
C GLY B 292 -20.87 12.80 8.13
N ALA B 293 -20.87 13.30 6.91
CA ALA B 293 -22.10 13.37 6.13
C ALA B 293 -21.91 12.82 4.72
N LEU B 294 -21.66 11.53 4.62
CA LEU B 294 -21.49 10.90 3.32
C LEU B 294 -22.89 10.84 2.71
N GLY B 295 -23.03 11.26 1.46
CA GLY B 295 -24.33 11.26 0.83
C GLY B 295 -24.36 10.47 -0.46
N LYS B 296 -25.56 10.15 -0.94
CA LYS B 296 -25.71 9.39 -2.17
C LYS B 296 -26.81 9.88 -3.12
N VAL B 297 -26.48 9.86 -4.40
CA VAL B 297 -27.40 10.26 -5.45
C VAL B 297 -27.32 9.13 -6.49
N ILE B 298 -28.46 8.56 -6.84
CA ILE B 298 -28.53 7.48 -7.80
C ILE B 298 -29.05 8.05 -9.11
N PHE B 299 -28.29 7.88 -10.19
CA PHE B 299 -28.74 8.35 -11.50
C PHE B 299 -29.15 7.13 -12.30
N GLU B 300 -30.45 6.99 -12.51
CA GLU B 300 -31.00 5.86 -13.24
C GLU B 300 -31.18 6.12 -14.74
N PHE B 301 -30.44 5.41 -15.58
CA PHE B 301 -30.57 5.59 -17.02
C PHE B 301 -31.46 4.50 -17.62
N GLU B 302 -32.02 4.79 -18.79
CA GLU B 302 -32.89 3.81 -19.47
C GLU B 302 -32.08 2.56 -19.73
N GLU B 303 -30.88 2.75 -20.27
CA GLU B 303 -30.00 1.63 -20.55
C GLU B 303 -28.57 2.10 -20.72
N CYS B 304 -27.63 1.17 -20.52
CA CYS B 304 -26.23 1.49 -20.66
C CYS B 304 -25.92 1.73 -22.12
N CYS B 305 -25.29 2.85 -22.40
CA CYS B 305 -24.90 3.17 -23.76
C CYS B 305 -23.55 3.87 -23.65
N TRP B 306 -22.80 3.48 -22.62
CA TRP B 306 -21.48 4.02 -22.35
C TRP B 306 -20.54 2.84 -22.11
N SER B 307 -19.25 3.03 -22.36
CA SER B 307 -18.30 1.94 -22.17
C SER B 307 -18.08 1.60 -20.71
N ASN B 308 -18.16 0.30 -20.43
CA ASN B 308 -17.99 -0.21 -19.08
C ASN B 308 -16.51 -0.56 -18.85
N GLU B 309 -15.65 0.42 -18.98
CA GLU B 309 -14.25 0.11 -18.78
C GLU B 309 -14.05 -0.21 -17.31
N SER B 310 -14.65 0.60 -16.43
CA SER B 310 -14.54 0.40 -14.99
C SER B 310 -15.82 0.74 -14.26
N SER B 311 -15.93 0.24 -13.03
CA SER B 311 -17.10 0.52 -12.21
C SER B 311 -16.81 1.63 -11.19
N LYS B 312 -15.58 2.11 -11.15
CA LYS B 312 -15.22 3.19 -10.23
C LYS B 312 -14.71 4.41 -11.00
N ILE B 313 -15.45 5.51 -10.91
CA ILE B 313 -15.09 6.75 -11.58
C ILE B 313 -15.07 7.90 -10.57
N VAL B 314 -14.06 8.76 -10.65
CA VAL B 314 -13.97 9.91 -9.76
C VAL B 314 -13.74 11.16 -10.58
N THR B 315 -14.54 12.19 -10.33
CA THR B 315 -14.39 13.47 -11.03
C THR B 315 -13.61 14.42 -10.10
N LEU B 316 -12.52 14.97 -10.61
CA LEU B 316 -11.70 15.87 -9.81
C LEU B 316 -12.26 17.28 -9.76
N ALA B 317 -12.19 17.91 -8.59
CA ALA B 317 -12.64 19.29 -8.45
C ALA B 317 -11.72 20.10 -9.35
N ASN B 318 -12.14 21.30 -9.75
CA ASN B 318 -11.30 22.14 -10.61
C ASN B 318 -9.94 22.45 -9.96
N SER B 319 -8.90 22.49 -10.78
CA SER B 319 -7.55 22.80 -10.29
C SER B 319 -6.96 23.94 -11.11
N THR B 320 -6.18 24.81 -10.47
CA THR B 320 -5.63 25.97 -11.19
C THR B 320 -4.13 25.92 -11.47
N ASN B 321 -3.77 26.16 -12.74
CA ASN B 321 -2.36 26.15 -13.14
C ASN B 321 -1.59 27.21 -12.34
N GLU B 322 -2.31 28.01 -11.57
CA GLU B 322 -1.68 29.02 -10.74
C GLU B 322 -1.62 28.54 -9.30
N PHE B 323 -1.88 27.26 -9.11
CA PHE B 323 -1.79 26.67 -7.79
C PHE B 323 -0.34 26.28 -7.72
N VAL B 324 0.18 25.89 -8.88
CA VAL B 324 1.56 25.50 -9.02
C VAL B 324 2.49 26.65 -8.63
N GLU B 325 2.36 27.78 -9.32
CA GLU B 325 3.18 28.96 -9.04
C GLU B 325 3.26 29.23 -7.54
N ILE B 326 2.14 29.10 -6.85
CA ILE B 326 2.17 29.34 -5.41
C ILE B 326 3.05 28.28 -4.72
N VAL B 327 2.89 27.02 -5.10
CA VAL B 327 3.68 25.93 -4.53
C VAL B 327 5.14 26.19 -4.89
N ARG B 328 5.38 26.44 -6.18
CA ARG B 328 6.71 26.72 -6.70
C ARG B 328 7.34 27.99 -6.09
N ASN B 329 6.64 28.65 -5.18
CA ASN B 329 7.16 29.87 -4.59
C ASN B 329 7.32 29.89 -3.08
N ALA B 330 6.28 29.48 -2.34
CA ALA B 330 6.34 29.48 -0.88
C ALA B 330 7.68 29.06 -0.28
N GLU B 331 8.09 29.77 0.76
CA GLU B 331 9.35 29.48 1.45
C GLU B 331 9.10 28.49 2.58
N ASN B 332 7.84 28.34 2.96
CA ASN B 332 7.45 27.41 4.03
C ASN B 332 5.94 27.33 4.15
N LEU B 333 5.47 26.57 5.15
CA LEU B 333 4.05 26.40 5.36
C LEU B 333 3.35 27.68 5.80
N ASP B 334 4.12 28.73 6.06
CA ASP B 334 3.55 30.00 6.48
C ASP B 334 3.41 30.89 5.25
N GLU B 335 4.40 30.85 4.38
CA GLU B 335 4.35 31.64 3.15
C GLU B 335 3.27 31.05 2.25
N LEU B 336 3.23 29.73 2.18
CA LEU B 336 2.26 29.01 1.36
C LEU B 336 0.87 29.18 1.97
N ASP B 337 0.80 29.06 3.29
CA ASP B 337 -0.44 29.20 4.02
C ASP B 337 -1.13 30.52 3.68
N SER B 338 -0.34 31.60 3.61
CA SER B 338 -0.88 32.93 3.30
C SER B 338 -1.13 33.13 1.81
N MET B 339 -0.21 32.68 0.97
CA MET B 339 -0.38 32.82 -0.46
C MET B 339 -1.66 32.11 -0.92
N LEU B 340 -2.08 31.12 -0.15
CA LEU B 340 -3.29 30.37 -0.49
C LEU B 340 -4.52 31.23 -0.26
N GLU B 341 -4.59 31.87 0.89
CA GLU B 341 -5.71 32.75 1.16
C GLU B 341 -5.53 33.96 0.24
N ARG B 342 -5.73 33.75 -1.05
CA ARG B 342 -5.61 34.79 -2.07
C ARG B 342 -6.38 34.37 -3.32
N THR B 349 -16.44 32.77 -5.44
CA THR B 349 -17.32 31.81 -4.79
C THR B 349 -17.99 30.91 -5.82
N SER B 350 -19.23 30.48 -5.52
CA SER B 350 -20.01 29.60 -6.40
C SER B 350 -19.68 28.12 -6.17
N VAL B 351 -20.72 27.29 -6.08
CA VAL B 351 -20.55 25.85 -5.85
C VAL B 351 -21.23 25.03 -6.93
N THR B 352 -20.44 24.31 -7.71
CA THR B 352 -20.99 23.49 -8.78
C THR B 352 -20.57 22.04 -8.63
N CYS B 353 -20.98 21.20 -9.58
CA CYS B 353 -20.62 19.81 -9.52
C CYS B 353 -19.10 19.70 -9.54
N TRP B 354 -18.44 20.71 -10.13
CA TRP B 354 -16.98 20.68 -10.21
C TRP B 354 -16.27 21.33 -9.02
N SER B 355 -17.01 21.69 -7.98
CA SER B 355 -16.39 22.33 -6.82
C SER B 355 -15.76 21.33 -5.85
N GLN B 356 -16.01 20.05 -6.07
CA GLN B 356 -15.46 19.02 -5.19
C GLN B 356 -15.35 17.71 -5.92
N PRO B 357 -14.67 16.72 -5.32
CA PRO B 357 -14.59 15.46 -6.04
C PRO B 357 -15.92 14.72 -5.87
N LEU B 358 -16.29 13.93 -6.86
CA LEU B 358 -17.51 13.16 -6.82
C LEU B 358 -17.20 11.71 -7.21
N PHE B 359 -17.53 10.78 -6.32
CA PHE B 359 -17.27 9.38 -6.60
C PHE B 359 -18.45 8.68 -7.27
N PHE B 360 -18.24 8.22 -8.50
CA PHE B 360 -19.31 7.55 -9.23
C PHE B 360 -19.11 6.04 -9.42
N VAL B 361 -20.06 5.26 -8.91
CA VAL B 361 -19.99 3.82 -9.08
C VAL B 361 -20.80 3.47 -10.32
N ASN B 362 -20.12 3.04 -11.38
CA ASN B 362 -20.82 2.63 -12.60
C ASN B 362 -21.38 1.21 -12.41
N LEU B 363 -22.57 1.11 -11.85
CA LEU B 363 -23.23 -0.16 -11.58
C LEU B 363 -23.43 -1.07 -12.80
N SER B 364 -23.31 -0.49 -13.98
CA SER B 364 -23.52 -1.24 -15.19
C SER B 364 -22.50 -2.37 -15.33
N LYS B 365 -21.25 -2.06 -14.99
CA LYS B 365 -20.17 -3.02 -15.12
C LYS B 365 -20.13 -4.11 -14.05
N SER B 366 -20.42 -3.71 -12.82
CA SER B 366 -20.39 -4.61 -11.66
C SER B 366 -21.69 -5.28 -11.20
N THR B 367 -22.83 -4.87 -11.76
CA THR B 367 -24.11 -5.47 -11.37
C THR B 367 -25.07 -5.50 -12.55
N GLY B 368 -24.61 -5.06 -13.70
CA GLY B 368 -25.45 -5.08 -14.88
C GLY B 368 -26.66 -4.17 -14.85
N VAL B 369 -26.57 -3.08 -14.10
CA VAL B 369 -27.67 -2.14 -14.02
C VAL B 369 -27.27 -0.80 -14.60
N ALA B 370 -28.05 -0.32 -15.58
CA ALA B 370 -27.80 0.95 -16.23
C ALA B 370 -27.95 2.13 -15.27
N SER B 371 -27.24 2.11 -14.15
CA SER B 371 -27.31 3.20 -13.19
C SER B 371 -25.94 3.60 -12.64
N PHE B 372 -25.90 4.77 -12.00
CA PHE B 372 -24.68 5.29 -11.38
C PHE B 372 -25.01 5.60 -9.95
N MET B 373 -24.18 5.11 -9.04
CA MET B 373 -24.35 5.42 -7.63
C MET B 373 -23.21 6.39 -7.32
N MET B 374 -23.56 7.65 -7.10
CA MET B 374 -22.57 8.68 -6.81
C MET B 374 -22.48 9.01 -5.32
N LEU B 375 -21.28 9.02 -4.78
CA LEU B 375 -21.13 9.35 -3.36
C LEU B 375 -20.64 10.80 -3.23
N MET B 376 -21.20 11.51 -2.25
CA MET B 376 -20.84 12.91 -1.99
C MET B 376 -20.48 13.12 -0.52
N GLN B 377 -19.98 14.30 -0.18
CA GLN B 377 -19.56 14.56 1.19
C GLN B 377 -19.94 15.93 1.70
N ALA B 378 -19.73 16.15 2.99
CA ALA B 378 -19.99 17.46 3.61
C ALA B 378 -18.96 18.41 3.00
N PRO B 379 -19.35 19.67 2.73
CA PRO B 379 -20.67 20.24 2.94
C PRO B 379 -21.68 19.99 1.81
N LEU B 380 -21.20 19.62 0.63
CA LEU B 380 -22.09 19.40 -0.51
C LEU B 380 -23.30 18.52 -0.24
N THR B 381 -23.10 17.42 0.48
CA THR B 381 -24.16 16.48 0.81
C THR B 381 -25.42 17.16 1.32
N ASN B 382 -25.28 17.80 2.46
CA ASN B 382 -26.35 18.50 3.13
C ASN B 382 -27.13 19.40 2.15
N HIS B 383 -26.43 20.09 1.28
CA HIS B 383 -27.11 20.94 0.33
C HIS B 383 -27.91 20.12 -0.70
N ILE B 384 -27.30 19.14 -1.35
CA ILE B 384 -28.02 18.34 -2.33
C ILE B 384 -29.18 17.53 -1.71
N GLU B 385 -29.01 17.06 -0.49
CA GLU B 385 -30.08 16.34 0.17
C GLU B 385 -31.26 17.30 0.39
N SER B 386 -30.92 18.57 0.65
CA SER B 386 -31.93 19.62 0.88
C SER B 386 -32.90 19.73 -0.28
N ILE B 387 -32.40 19.61 -1.50
CA ILE B 387 -33.23 19.71 -2.69
C ILE B 387 -33.51 18.32 -3.32
N ARG B 388 -33.54 17.28 -2.50
CA ARG B 388 -33.75 15.94 -3.01
C ARG B 388 -34.97 15.81 -3.92
N GLU B 389 -36.04 16.52 -3.58
CA GLU B 389 -37.30 16.50 -4.33
C GLU B 389 -37.29 17.29 -5.63
N ASP B 390 -36.27 18.10 -5.85
CA ASP B 390 -36.21 18.93 -7.04
C ASP B 390 -35.39 18.31 -8.16
N LYS B 391 -35.99 17.35 -8.83
CA LYS B 391 -35.28 16.62 -9.86
C LYS B 391 -34.71 17.44 -11.01
N GLU B 392 -35.44 18.44 -11.48
CA GLU B 392 -34.92 19.26 -12.57
C GLU B 392 -33.70 20.04 -12.07
N ARG B 393 -33.76 20.48 -10.81
CA ARG B 393 -32.67 21.22 -10.20
C ARG B 393 -31.46 20.31 -9.93
N LEU B 394 -31.73 19.06 -9.56
CA LEU B 394 -30.67 18.10 -9.28
C LEU B 394 -29.97 17.77 -10.58
N PHE B 395 -30.77 17.47 -11.60
CA PHE B 395 -30.20 17.12 -12.89
C PHE B 395 -29.36 18.25 -13.43
N SER B 396 -29.83 19.46 -13.20
CA SER B 396 -29.13 20.64 -13.69
C SER B 396 -27.78 20.79 -13.00
N PHE B 397 -27.71 20.43 -11.73
CA PHE B 397 -26.49 20.54 -10.95
C PHE B 397 -25.43 19.51 -11.36
N PHE B 398 -25.87 18.28 -11.63
CA PHE B 398 -24.93 17.21 -11.99
C PHE B 398 -24.74 16.97 -13.48
N GLN B 399 -25.53 17.65 -14.29
CA GLN B 399 -25.45 17.51 -15.74
C GLN B 399 -24.04 17.70 -16.31
N PRO B 400 -23.30 18.70 -15.81
CA PRO B 400 -21.95 18.89 -16.34
C PRO B 400 -21.05 17.67 -16.22
N VAL B 401 -20.84 17.20 -14.99
CA VAL B 401 -19.98 16.03 -14.75
C VAL B 401 -20.59 14.79 -15.37
N LEU B 402 -21.92 14.69 -15.32
CA LEU B 402 -22.58 13.54 -15.92
C LEU B 402 -22.19 13.50 -17.40
N ASN B 403 -22.22 14.64 -18.06
CA ASN B 403 -21.87 14.67 -19.46
C ASN B 403 -20.39 14.44 -19.64
N LYS B 404 -19.59 14.99 -18.73
CA LYS B 404 -18.14 14.82 -18.80
C LYS B 404 -17.76 13.34 -18.66
N ILE B 405 -18.55 12.60 -17.89
CA ILE B 405 -18.31 11.17 -17.71
C ILE B 405 -18.63 10.47 -19.02
N MET B 406 -19.86 10.62 -19.49
CA MET B 406 -20.28 9.98 -20.72
C MET B 406 -19.31 10.21 -21.88
N LYS B 407 -18.75 11.41 -22.00
CA LYS B 407 -17.81 11.66 -23.08
C LYS B 407 -16.61 10.75 -22.91
N CYS B 408 -16.01 10.83 -21.72
CA CYS B 408 -14.85 10.01 -21.39
C CYS B 408 -15.17 8.52 -21.54
N LEU B 409 -16.43 8.16 -21.35
CA LEU B 409 -16.83 6.77 -21.47
C LEU B 409 -17.42 6.50 -22.85
N ASP B 410 -16.93 7.26 -23.82
CA ASP B 410 -17.36 7.14 -25.22
C ASP B 410 -18.86 7.11 -25.45
N SER B 411 -19.54 8.11 -24.89
CA SER B 411 -20.98 8.20 -25.04
C SER B 411 -21.34 9.67 -25.30
N GLU B 412 -22.64 9.96 -25.34
CA GLU B 412 -23.11 11.33 -25.60
C GLU B 412 -23.61 12.03 -24.35
N ASP B 413 -24.00 13.29 -24.52
CA ASP B 413 -24.53 14.08 -23.42
C ASP B 413 -25.85 13.47 -22.99
N VAL B 414 -26.09 13.48 -21.69
CA VAL B 414 -27.28 12.91 -21.11
C VAL B 414 -28.56 13.63 -21.49
N ILE B 415 -29.58 12.86 -21.84
CA ILE B 415 -30.88 13.40 -22.16
C ILE B 415 -31.72 13.33 -20.89
N ASP B 416 -32.63 14.26 -20.72
CA ASP B 416 -33.48 14.27 -19.54
C ASP B 416 -34.79 13.54 -19.82
N GLY B 417 -34.88 12.27 -19.42
CA GLY B 417 -36.09 11.52 -19.66
C GLY B 417 -36.90 11.25 -18.41
N MET B 418 -36.73 12.11 -17.40
CA MET B 418 -37.44 11.92 -16.14
C MET B 418 -38.95 12.16 -16.20
N ARG B 419 -39.44 12.75 -17.29
CA ARG B 419 -40.87 13.02 -17.46
C ARG B 419 -41.47 12.33 -18.69
N PRO B 420 -42.77 11.93 -18.62
CA PRO B 420 -43.52 11.24 -19.68
C PRO B 420 -43.30 11.75 -21.10
N GLU B 422 -40.74 9.97 -23.68
CA GLU B 422 -39.29 9.82 -23.84
C GLU B 422 -38.58 10.89 -24.65
N ASN B 423 -38.22 10.55 -25.88
CA ASN B 423 -37.52 11.49 -26.79
C ASN B 423 -37.42 11.01 -28.24
N ILE B 424 -37.29 9.70 -28.43
CA ILE B 424 -37.16 9.09 -29.75
C ILE B 424 -35.76 9.37 -30.34
N ALA B 425 -35.15 10.47 -29.89
CA ALA B 425 -33.83 10.87 -30.33
C ALA B 425 -32.78 10.32 -29.34
N ASN B 426 -33.16 9.22 -28.68
CA ASN B 426 -32.31 8.56 -27.71
C ASN B 426 -31.43 7.51 -28.40
N ALA B 427 -31.78 6.24 -28.21
CA ALA B 427 -31.06 5.12 -28.83
C ALA B 427 -29.56 5.04 -28.52
N ASN B 428 -28.83 6.08 -28.91
CA ASN B 428 -27.38 6.12 -28.69
C ASN B 428 -26.99 7.10 -27.58
N LYS B 429 -27.99 7.77 -27.01
CA LYS B 429 -27.71 8.72 -25.95
C LYS B 429 -28.22 8.32 -24.58
N PRO B 430 -27.39 8.46 -23.56
CA PRO B 430 -27.84 8.08 -22.22
C PRO B 430 -29.08 8.87 -21.84
N VAL B 431 -30.17 8.15 -21.58
CA VAL B 431 -31.42 8.79 -21.20
C VAL B 431 -31.70 8.65 -19.70
N LEU B 432 -31.51 9.72 -18.95
CA LEU B 432 -31.76 9.70 -17.51
C LEU B 432 -33.26 9.50 -17.24
N ARG B 433 -33.62 8.47 -16.49
CA ARG B 433 -35.02 8.20 -16.21
C ARG B 433 -35.41 8.62 -14.80
N ASN B 434 -34.44 8.62 -13.89
CA ASN B 434 -34.72 9.00 -12.51
C ASN B 434 -33.48 9.33 -11.68
N ILE B 435 -33.69 9.97 -10.54
CA ILE B 435 -32.60 10.31 -9.64
C ILE B 435 -33.10 10.01 -8.23
N ILE B 436 -32.26 9.40 -7.40
CA ILE B 436 -32.68 9.10 -6.03
C ILE B 436 -31.61 9.69 -5.17
N VAL B 437 -32.01 10.44 -4.16
CA VAL B 437 -31.05 11.07 -3.29
C VAL B 437 -31.22 10.57 -1.88
N SER B 438 -30.11 10.45 -1.16
CA SER B 438 -30.17 10.01 0.20
C SER B 438 -30.79 11.17 0.99
N ASN B 439 -30.92 11.01 2.29
CA ASN B 439 -31.51 12.06 3.10
C ASN B 439 -31.01 11.92 4.54
N TRP B 440 -29.79 11.40 4.69
CA TRP B 440 -29.24 11.17 6.02
C TRP B 440 -28.96 12.44 6.83
N THR B 441 -28.46 13.49 6.20
CA THR B 441 -28.23 14.71 6.97
C THR B 441 -29.57 15.23 7.47
N ARG B 442 -30.58 15.27 6.60
CA ARG B 442 -31.89 15.79 6.98
C ARG B 442 -32.79 14.85 7.77
N ASP B 443 -32.31 13.65 8.09
CA ASP B 443 -33.11 12.69 8.85
C ASP B 443 -32.73 12.86 10.30
N PRO B 444 -33.71 13.15 11.17
CA PRO B 444 -33.47 13.34 12.60
C PRO B 444 -32.99 12.10 13.36
N TYR B 445 -33.15 10.93 12.74
CA TYR B 445 -32.74 9.70 13.39
C TYR B 445 -31.37 9.22 12.98
N SER B 446 -30.76 9.88 12.01
CA SER B 446 -29.43 9.53 11.57
C SER B 446 -28.52 10.77 11.68
N ARG B 447 -29.12 11.94 11.48
CA ARG B 447 -28.39 13.21 11.58
C ARG B 447 -26.96 13.06 11.12
N GLY B 448 -26.80 12.42 9.97
CA GLY B 448 -25.47 12.23 9.43
C GLY B 448 -25.26 10.81 8.92
N ALA B 449 -24.10 10.59 8.32
CA ALA B 449 -23.74 9.30 7.75
C ALA B 449 -23.19 8.33 8.79
N TYR B 450 -22.09 8.72 9.44
CA TYR B 450 -21.44 7.88 10.45
C TYR B 450 -20.24 8.58 11.11
N SER B 451 -19.71 7.96 12.18
CA SER B 451 -18.58 8.47 12.95
C SER B 451 -17.46 8.92 12.03
N ALA B 452 -16.95 10.12 12.27
CA ALA B 452 -15.87 10.66 11.44
C ALA B 452 -14.97 11.56 12.26
N CYS B 453 -13.71 11.66 11.83
CA CYS B 453 -12.74 12.49 12.53
C CYS B 453 -12.45 13.88 11.99
N PHE B 454 -12.41 14.80 12.94
CA PHE B 454 -12.16 16.22 12.76
C PHE B 454 -10.71 16.42 13.16
N PRO B 455 -10.00 17.33 12.50
CA PRO B 455 -8.60 17.56 12.87
C PRO B 455 -8.43 18.07 14.30
N VAL B 460 -11.78 7.32 18.47
CA VAL B 460 -10.76 7.64 19.46
C VAL B 460 -11.11 7.07 20.85
N ASP B 461 -11.48 7.94 21.79
CA ASP B 461 -11.85 7.56 23.15
C ASP B 461 -13.30 7.09 23.28
N MET B 462 -14.17 7.65 22.45
CA MET B 462 -15.59 7.30 22.46
C MET B 462 -15.76 5.79 22.47
N VAL B 463 -14.90 5.09 21.74
CA VAL B 463 -14.96 3.64 21.66
C VAL B 463 -14.95 3.04 23.06
N VAL B 464 -14.06 3.52 23.91
CA VAL B 464 -13.96 3.03 25.28
C VAL B 464 -15.20 3.45 26.07
N ALA B 465 -15.51 4.75 26.01
CA ALA B 465 -16.67 5.30 26.71
C ALA B 465 -17.92 4.45 26.44
N MET B 466 -18.12 4.05 25.19
CA MET B 466 -19.26 3.24 24.81
C MET B 466 -19.09 1.79 25.24
N SER B 467 -17.89 1.27 25.02
CA SER B 467 -17.57 -0.11 25.39
C SER B 467 -17.86 -0.38 26.86
N ASN B 468 -17.38 0.49 27.74
CA ASN B 468 -17.62 0.28 29.15
C ASN B 468 -19.11 0.36 29.50
N GLY B 469 -19.76 1.45 29.10
CA GLY B 469 -21.18 1.58 29.38
C GLY B 469 -21.52 2.44 30.59
N GLN B 470 -22.63 3.17 30.51
CA GLN B 470 -23.06 4.02 31.60
C GLN B 470 -23.02 3.21 32.89
N ASP B 471 -23.27 1.92 32.78
CA ASP B 471 -23.25 1.02 33.93
C ASP B 471 -23.50 -0.44 33.53
N SER B 472 -23.46 -1.32 34.51
CA SER B 472 -23.65 -2.75 34.29
C SER B 472 -24.92 -3.10 33.52
N ARG B 473 -25.86 -2.15 33.40
CA ARG B 473 -27.09 -2.45 32.69
C ARG B 473 -27.52 -1.41 31.64
N ILE B 474 -26.76 -0.33 31.51
CA ILE B 474 -27.03 0.71 30.51
C ILE B 474 -25.87 0.66 29.50
N ARG B 475 -25.91 -0.34 28.62
CA ARG B 475 -24.88 -0.56 27.61
C ARG B 475 -25.09 0.18 26.29
N PHE B 476 -24.02 0.32 25.52
CA PHE B 476 -24.07 0.99 24.22
C PHE B 476 -23.56 0.07 23.13
N ALA B 477 -24.12 0.23 21.93
CA ALA B 477 -23.71 -0.55 20.78
C ALA B 477 -23.83 0.40 19.60
N GLY B 478 -23.30 0.00 18.45
CA GLY B 478 -23.37 0.86 17.27
C GLY B 478 -22.02 1.10 16.65
N GLU B 479 -22.00 1.37 15.35
CA GLU B 479 -20.75 1.59 14.62
C GLU B 479 -19.78 2.54 15.29
N HIS B 480 -20.27 3.31 16.24
CA HIS B 480 -19.43 4.28 16.94
C HIS B 480 -18.95 3.75 18.28
N THR B 481 -19.39 2.56 18.64
CA THR B 481 -19.02 1.97 19.91
C THR B 481 -17.96 0.88 19.74
N ILE B 482 -17.21 0.93 18.64
CA ILE B 482 -16.23 -0.11 18.43
C ILE B 482 -14.95 0.36 17.72
N MET B 483 -13.85 -0.32 18.02
CA MET B 483 -12.54 0.00 17.43
C MET B 483 -12.36 -0.69 16.09
N ASP B 484 -12.54 -2.01 16.07
CA ASP B 484 -12.40 -2.71 14.81
C ASP B 484 -13.71 -2.63 14.03
N GLY B 485 -13.64 -2.01 12.84
CA GLY B 485 -14.81 -1.87 12.00
C GLY B 485 -15.56 -0.58 12.25
N ALA B 486 -15.02 0.25 13.13
CA ALA B 486 -15.62 1.53 13.47
C ALA B 486 -16.22 2.23 12.26
N GLY B 487 -17.46 2.68 12.40
CA GLY B 487 -18.13 3.35 11.31
C GLY B 487 -18.64 2.42 10.21
N CYS B 488 -18.55 1.11 10.43
CA CYS B 488 -19.00 0.17 9.42
C CYS B 488 -20.13 -0.72 9.88
N ALA B 489 -20.76 -1.37 8.92
CA ALA B 489 -21.86 -2.30 9.17
C ALA B 489 -21.42 -3.47 10.06
N TYR B 490 -20.30 -4.10 9.73
CA TYR B 490 -19.81 -5.21 10.55
C TYR B 490 -19.35 -4.67 11.90
N GLY B 491 -18.77 -3.47 11.89
CA GLY B 491 -18.34 -2.89 13.15
C GLY B 491 -19.55 -2.77 14.05
N ALA B 492 -20.69 -2.39 13.46
CA ALA B 492 -21.91 -2.24 14.23
C ALA B 492 -22.44 -3.62 14.59
N TRP B 493 -22.42 -4.51 13.62
CA TRP B 493 -22.87 -5.87 13.80
C TRP B 493 -22.19 -6.55 14.98
N GLU B 494 -20.89 -6.33 15.12
CA GLU B 494 -20.11 -6.95 16.20
C GLU B 494 -20.41 -6.30 17.55
N SER B 495 -20.49 -4.96 17.55
CA SER B 495 -20.79 -4.23 18.76
C SER B 495 -22.13 -4.69 19.32
N GLY B 496 -23.00 -5.16 18.41
CA GLY B 496 -24.31 -5.62 18.83
C GLY B 496 -24.22 -6.98 19.47
N ARG B 497 -23.29 -7.79 18.98
CA ARG B 497 -23.10 -9.12 19.53
C ARG B 497 -22.30 -9.00 20.82
N ARG B 498 -21.40 -8.02 20.86
CA ARG B 498 -20.59 -7.81 22.05
C ARG B 498 -21.47 -7.59 23.27
N GLU B 499 -21.98 -6.36 23.38
CA GLU B 499 -22.85 -5.97 24.49
C GLU B 499 -23.93 -7.01 24.73
N ALA B 500 -24.27 -7.76 23.70
CA ALA B 500 -25.27 -8.81 23.81
C ALA B 500 -24.70 -10.01 24.55
N THR B 501 -23.82 -10.77 23.88
CA THR B 501 -23.21 -11.95 24.48
C THR B 501 -22.83 -11.73 25.94
N ARG B 502 -22.55 -10.48 26.30
CA ARG B 502 -22.23 -10.15 27.67
C ARG B 502 -23.49 -10.38 28.49
N ILE B 503 -24.49 -9.54 28.27
CA ILE B 503 -25.76 -9.62 28.95
C ILE B 503 -26.37 -11.04 28.81
N SER B 504 -25.82 -11.83 27.90
CA SER B 504 -26.32 -13.17 27.70
C SER B 504 -25.86 -14.08 28.82
N ASP B 505 -24.58 -14.01 29.17
CA ASP B 505 -24.02 -14.82 30.24
C ASP B 505 -24.54 -14.40 31.61
N LEU B 506 -24.44 -13.12 31.92
CA LEU B 506 -24.93 -12.60 33.20
C LEU B 506 -26.31 -13.17 33.50
N LEU B 507 -27.29 -12.78 32.70
CA LEU B 507 -28.66 -13.26 32.86
C LEU B 507 -28.73 -14.78 33.02
N LYS B 508 -28.15 -15.49 32.06
CA LYS B 508 -28.14 -16.96 32.04
C LYS B 508 -28.17 -17.54 33.44
N LEU B 509 -27.35 -16.97 34.32
CA LEU B 509 -27.24 -17.36 35.73
C LEU B 509 -28.53 -18.01 36.26
PA FAD C . 30.93 -3.67 -1.38
O1A FAD C . 30.61 -2.29 -1.67
O2A FAD C . 30.14 -4.89 -1.33
O5B FAD C . 32.20 -3.91 -0.40
C5B FAD C . 33.22 -2.94 -0.22
C4B FAD C . 34.49 -3.45 -0.94
O4B FAD C . 35.09 -4.55 -0.27
C3B FAD C . 34.34 -3.96 -2.39
O3B FAD C . 34.74 -2.98 -3.31
C2B FAD C . 35.19 -5.23 -2.43
O2B FAD C . 35.91 -5.47 -3.62
C1B FAD C . 36.06 -5.02 -1.20
N9A FAD C . 36.73 -6.23 -0.66
C8A FAD C . 36.22 -7.50 -0.55
N7A FAD C . 37.09 -8.34 -0.01
C5A FAD C . 38.21 -7.61 0.23
C6A FAD C . 39.47 -7.95 0.79
N6A FAD C . 39.76 -9.16 1.22
N1A FAD C . 40.42 -6.94 0.90
C2A FAD C . 40.13 -5.66 0.47
N3A FAD C . 38.94 -5.28 -0.07
C4A FAD C . 38.02 -6.29 -0.18
N1 FAD C . 21.17 -1.11 -3.60
C2 FAD C . 20.32 -0.04 -3.71
O2 FAD C . 20.17 0.74 -2.79
N3 FAD C . 19.64 0.12 -4.91
C4 FAD C . 19.75 -0.73 -6.01
O4 FAD C . 19.12 -0.52 -7.05
C4X FAD C . 20.63 -1.82 -5.88
N5 FAD C . 20.84 -2.71 -6.94
C5X FAD C . 21.75 -3.76 -6.82
C6 FAD C . 21.98 -4.62 -7.90
C7 FAD C . 22.92 -5.67 -7.85
C7M FAD C . 23.12 -6.55 -9.04
C8 FAD C . 23.67 -5.84 -6.62
C8M FAD C . 24.71 -6.92 -6.47
C9 FAD C . 23.43 -4.98 -5.52
C9A FAD C . 22.48 -3.93 -5.60
N10 FAD C . 22.24 -3.04 -4.52
C10 FAD C . 21.33 -1.97 -4.66
C1' FAD C . 22.96 -3.16 -3.22
C2' FAD C . 24.13 -2.19 -3.08
O2' FAD C . 24.92 -2.30 -4.25
C3' FAD C . 24.94 -2.58 -1.87
O3' FAD C . 24.16 -2.47 -0.69
C4' FAD C . 26.15 -1.72 -1.56
O4' FAD C . 26.83 -1.37 -2.77
C5' FAD C . 27.09 -2.50 -0.65
O5' FAD C . 28.16 -1.60 -0.35
P FAD C . 29.32 -1.99 0.63
O1P FAD C . 30.17 -0.78 0.66
O2P FAD C . 28.77 -2.42 1.94
O3P FAD C . 30.09 -3.26 -0.02
NAA DRE D . 17.62 -2.86 -5.43
CAB DRE D . 18.03 -4.18 -4.91
CAC DRE D . 18.15 -4.12 -3.39
CAD DRE D . 16.81 -3.77 -2.74
CAE DRE D . 16.94 -3.73 -1.22
CAF DRE D . 15.63 -3.25 -0.57
CAG DRE D . 15.78 -3.18 0.95
NAH DRE D . 14.52 -2.70 1.54
CAI DRE D . 14.59 -2.73 3.01
CAJ DRE D . 14.20 -4.12 3.53
CAK DRE D . 15.23 -5.18 3.14
CAL DRE D . 14.85 -6.55 3.69
CAM DRE D . 15.93 -7.60 3.40
CAN DRE D . 17.23 -7.28 4.15
NAO DRE D . 18.26 -8.27 3.80
PA FAD E . -28.45 2.49 12.60
O1A FAD E . -27.25 2.48 11.76
O2A FAD E . -28.69 3.82 12.01
O5B FAD E . -29.02 3.40 13.79
C5B FAD E . -29.36 2.94 15.10
C4B FAD E . -30.94 2.89 15.12
O4B FAD E . -31.43 3.70 16.19
C3B FAD E . -31.69 3.44 13.85
O3B FAD E . -32.57 2.49 13.27
C2B FAD E . -32.39 4.66 14.38
O2B FAD E . -33.51 5.13 13.65
C1B FAD E . -32.70 4.23 15.79
N9A FAD E . -33.04 5.30 16.71
C8A FAD E . -32.48 6.56 16.78
N7A FAD E . -33.01 7.31 17.74
C5A FAD E . -33.97 6.50 18.31
C6A FAD E . -34.86 6.71 19.39
N6A FAD E . -34.92 7.84 20.08
N1A FAD E . -35.71 5.68 19.73
C2A FAD E . -35.67 4.49 19.02
N3A FAD E . -34.83 4.22 17.98
C4A FAD E . -34.00 5.25 17.67
N1 FAD E . -20.82 0.96 6.31
C2 FAD E . -20.07 -0.04 5.73
O2 FAD E . -19.59 -0.94 6.40
N3 FAD E . -19.87 -0.01 4.36
C4 FAD E . -20.37 0.97 3.52
O4 FAD E . -20.16 0.93 2.29
C4X FAD E . -21.14 1.99 4.11
N5 FAD E . -21.69 3.00 3.33
C5X FAD E . -22.47 4.00 3.89
C6 FAD E . -23.04 4.98 3.08
C7 FAD E . -23.86 6.00 3.60
C7M FAD E . -24.44 7.04 2.65
C8 FAD E . -24.12 6.00 5.02
C8M FAD E . -24.98 7.04 5.67
C9 FAD E . -23.54 5.01 5.85
C9A FAD E . -22.71 3.99 5.32
N10 FAD E . -22.12 2.96 6.12
C10 FAD E . -21.34 1.95 5.52
C1' FAD E . -22.32 2.92 7.61
C2' FAD E . -23.30 1.88 8.12
O2' FAD E . -24.54 2.15 7.53
C3' FAD E . -23.35 2.03 9.64
O3' FAD E . -22.07 1.75 10.20
C4' FAD E . -24.27 1.11 10.40
O4' FAD E . -25.50 0.94 9.69
C5' FAD E . -24.52 1.70 11.79
O5' FAD E . -25.37 0.76 12.44
P FAD E . -26.13 1.01 13.80
O1P FAD E . -26.84 -0.27 14.02
O2P FAD E . -25.19 1.41 14.89
O3P FAD E . -27.19 2.21 13.61
NAA DRE F . -16.51 5.28 -0.08
CAB DRE F . -17.23 5.46 1.20
CAC DRE F . -16.98 4.25 2.10
CAD DRE F . -17.64 4.42 3.46
CAE DRE F . -17.42 3.19 4.33
CAF DRE F . -18.03 3.32 5.73
CAG DRE F . -17.36 4.41 6.57
NAH DRE F . -15.90 4.20 6.59
CAI DRE F . -15.27 5.04 7.63
CAJ DRE F . -13.84 5.35 7.20
CAK DRE F . -13.07 6.09 8.30
CAL DRE F . -12.66 5.16 9.45
CAM DRE F . -11.99 5.91 10.59
CAN DRE F . -12.98 6.84 11.30
NAO DRE F . -12.30 7.54 12.40
#